data_5YXA
#
_entry.id   5YXA
#
_cell.length_a   58.291
_cell.length_b   114.104
_cell.length_c   139.215
_cell.angle_alpha   90.00
_cell.angle_beta   90.00
_cell.angle_gamma   90.00
#
_symmetry.space_group_name_H-M   'P 21 21 21'
#
loop_
_entity.id
_entity.type
_entity.pdbx_description
1 polymer 'Non-structural protein 1'
2 water water
#
_entity_poly.entity_id   1
_entity_poly.type   'polypeptide(L)'
_entity_poly.pdbx_seq_one_letter_code
;TFDYSVDCDGAILGAAVNGKKSAHGSPTFWMGSHEVNGTWMIHTLETLDYKECEWPLTHTIGTSVEESDMFMPRSIGGPV
SSHNRIPGYKVQTNGPWMQVPLEVKREVCPGTSVVVDSNCDGRGKSTRSTTDSGKIIPEWCCRSCTMPPVSFHGSDGCWY
PMEIRPMKTSDSHLVRSWVTA
;
_entity_poly.pdbx_strand_id   A,B,C,D
#
# COMPACT_ATOMS: atom_id res chain seq x y z
N SER A 5 23.19 -30.85 -7.17
CA SER A 5 23.93 -31.69 -8.10
C SER A 5 23.02 -32.72 -8.78
N VAL A 6 21.78 -32.80 -8.33
CA VAL A 6 20.81 -33.75 -8.87
C VAL A 6 19.60 -33.05 -9.47
N ASP A 7 19.27 -33.38 -10.71
CA ASP A 7 18.08 -32.83 -11.36
C ASP A 7 16.83 -33.58 -10.94
N CYS A 8 15.69 -32.89 -10.99
CA CYS A 8 14.39 -33.53 -10.72
C CYS A 8 13.93 -34.36 -11.91
N ASP A 9 12.91 -35.18 -11.67
CA ASP A 9 12.41 -36.12 -12.66
C ASP A 9 11.73 -35.44 -13.86
N GLY A 10 12.49 -35.21 -14.92
CA GLY A 10 11.96 -34.53 -16.10
C GLY A 10 10.82 -35.24 -16.81
N ALA A 11 10.67 -36.55 -16.57
CA ALA A 11 9.65 -37.35 -17.23
C ALA A 11 8.23 -36.98 -16.80
N ILE A 12 8.10 -36.35 -15.64
CA ILE A 12 6.78 -35.96 -15.15
C ILE A 12 6.64 -34.44 -15.08
N LEU A 13 7.61 -33.72 -15.66
CA LEU A 13 7.59 -32.26 -15.64
C LEU A 13 7.03 -31.66 -16.92
N GLY A 14 6.49 -30.45 -16.78
CA GLY A 14 6.01 -29.73 -17.93
C GLY A 14 6.25 -28.23 -17.80
N ALA A 15 6.23 -27.54 -18.93
CA ALA A 15 6.26 -26.08 -18.95
C ALA A 15 5.61 -25.62 -20.23
N ALA A 16 5.07 -24.40 -20.22
CA ALA A 16 4.41 -23.87 -21.40
C ALA A 16 4.39 -22.35 -21.39
N VAL A 17 4.59 -21.75 -22.56
CA VAL A 17 4.41 -20.32 -22.78
C VAL A 17 3.46 -20.06 -23.94
N ASN A 18 2.68 -19.00 -23.81
CA ASN A 18 1.79 -18.57 -24.88
C ASN A 18 1.49 -17.10 -24.68
N GLY A 19 1.98 -16.27 -25.60
CA GLY A 19 1.79 -14.84 -25.51
C GLY A 19 2.36 -14.25 -24.24
N LYS A 20 1.50 -13.73 -23.38
CA LYS A 20 1.94 -13.14 -22.12
C LYS A 20 1.69 -14.06 -20.93
N LYS A 21 1.45 -15.34 -21.17
CA LYS A 21 1.26 -16.28 -20.05
C LYS A 21 2.23 -17.46 -20.11
N SER A 22 2.53 -18.01 -18.94
CA SER A 22 3.42 -19.16 -18.84
C SER A 22 3.21 -19.94 -17.55
N ALA A 23 3.76 -21.15 -17.51
CA ALA A 23 3.65 -22.01 -16.35
C ALA A 23 4.72 -23.08 -16.37
N HIS A 24 5.28 -23.38 -15.20
CA HIS A 24 6.11 -24.56 -14.99
C HIS A 24 5.35 -25.45 -14.00
N GLY A 25 5.30 -26.76 -14.27
CA GLY A 25 4.46 -27.63 -13.47
C GLY A 25 4.92 -29.08 -13.31
N SER A 26 4.40 -29.71 -12.25
CA SER A 26 4.60 -31.13 -11.92
C SER A 26 3.47 -31.50 -10.96
N PRO A 27 3.25 -32.81 -10.70
CA PRO A 27 2.10 -33.14 -9.83
C PRO A 27 2.17 -32.57 -8.41
N THR A 28 3.36 -32.17 -7.96
CA THR A 28 3.50 -31.54 -6.66
C THR A 28 3.90 -30.05 -6.74
N PHE A 29 3.84 -29.47 -7.92
CA PHE A 29 4.34 -28.10 -8.07
C PHE A 29 3.69 -27.34 -9.22
N TRP A 30 3.47 -26.04 -9.03
CA TRP A 30 2.93 -25.20 -10.08
C TRP A 30 3.33 -23.74 -9.91
N MET A 31 4.01 -23.20 -10.90
CA MET A 31 4.34 -21.79 -10.94
C MET A 31 3.71 -21.20 -12.19
N GLY A 32 2.75 -20.31 -12.00
CA GLY A 32 2.14 -19.58 -13.10
C GLY A 32 2.67 -18.16 -13.16
N SER A 33 3.10 -17.74 -14.35
CA SER A 33 3.65 -16.40 -14.53
C SER A 33 2.99 -15.66 -15.71
N HIS A 34 2.92 -14.33 -15.60
CA HIS A 34 2.66 -13.45 -16.74
C HIS A 34 3.76 -12.43 -17.07
N GLU A 35 3.56 -11.79 -18.21
CA GLU A 35 4.24 -10.56 -18.55
C GLU A 35 3.32 -9.35 -18.25
N VAL A 36 3.74 -8.50 -17.32
CA VAL A 36 3.06 -7.23 -17.05
C VAL A 36 4.01 -6.06 -17.21
N ASN A 37 3.58 -5.06 -17.99
CA ASN A 37 4.39 -3.86 -18.25
C ASN A 37 5.74 -4.25 -18.83
N GLY A 38 5.77 -5.33 -19.61
CA GLY A 38 6.99 -5.80 -20.23
C GLY A 38 7.90 -6.58 -19.30
N THR A 39 7.42 -6.90 -18.11
CA THR A 39 8.19 -7.67 -17.14
C THR A 39 7.49 -8.97 -16.77
N TRP A 40 8.20 -10.09 -16.84
CA TRP A 40 7.66 -11.37 -16.42
C TRP A 40 7.70 -11.49 -14.90
N MET A 41 6.59 -11.95 -14.33
CA MET A 41 6.49 -12.14 -12.89
C MET A 41 5.53 -13.28 -12.53
N ILE A 42 5.76 -13.86 -11.36
CA ILE A 42 4.90 -14.92 -10.82
C ILE A 42 3.55 -14.37 -10.36
N HIS A 43 2.47 -15.03 -10.76
CA HIS A 43 1.15 -14.72 -10.20
C HIS A 43 0.63 -15.90 -9.37
N THR A 44 1.17 -17.09 -9.64
CA THR A 44 0.76 -18.30 -8.92
C THR A 44 1.97 -19.14 -8.54
N LEU A 45 2.00 -19.62 -7.31
CA LEU A 45 3.04 -20.54 -6.89
C LEU A 45 2.48 -21.44 -5.81
N GLU A 46 2.37 -22.73 -6.15
CA GLU A 46 1.84 -23.74 -5.26
C GLU A 46 2.82 -24.90 -5.20
N THR A 47 3.16 -25.32 -3.98
CA THR A 47 4.00 -26.49 -3.77
C THR A 47 3.30 -27.42 -2.80
N LEU A 48 3.21 -28.69 -3.15
CA LEU A 48 2.61 -29.67 -2.26
C LEU A 48 3.72 -30.43 -1.56
N ASP A 49 4.95 -30.14 -1.98
CA ASP A 49 6.10 -30.96 -1.63
C ASP A 49 7.37 -30.14 -1.45
N TYR A 50 8.20 -30.53 -0.49
CA TYR A 50 9.53 -29.93 -0.36
C TYR A 50 10.57 -30.98 -0.73
N LYS A 51 11.45 -30.63 -1.67
CA LYS A 51 12.48 -31.55 -2.12
C LYS A 51 13.70 -30.77 -2.62
N GLU A 52 14.88 -31.30 -2.36
CA GLU A 52 16.10 -30.67 -2.84
C GLU A 52 16.55 -31.30 -4.15
N CYS A 53 16.10 -30.69 -5.24
CA CYS A 53 16.45 -31.11 -6.58
C CYS A 53 16.34 -29.88 -7.47
N GLU A 54 16.77 -30.01 -8.72
CA GLU A 54 16.89 -28.85 -9.58
C GLU A 54 16.08 -29.02 -10.84
N TRP A 55 15.35 -27.96 -11.20
CA TRP A 55 14.56 -27.97 -12.41
C TRP A 55 15.48 -28.12 -13.61
N PRO A 56 15.31 -29.20 -14.38
CA PRO A 56 16.16 -29.44 -15.56
C PRO A 56 16.04 -28.32 -16.58
N LEU A 57 17.18 -27.92 -17.13
CA LEU A 57 17.22 -26.85 -18.13
C LEU A 57 16.44 -27.25 -19.38
N THR A 58 16.38 -28.55 -19.66
CA THR A 58 15.64 -29.07 -20.81
C THR A 58 14.15 -28.73 -20.75
N HIS A 59 13.66 -28.45 -19.55
CA HIS A 59 12.26 -28.14 -19.35
C HIS A 59 12.07 -26.74 -18.76
N THR A 60 13.10 -25.90 -18.93
CA THR A 60 13.06 -24.54 -18.42
C THR A 60 12.74 -23.54 -19.53
N ILE A 61 11.76 -22.68 -19.28
CA ILE A 61 11.47 -21.60 -20.21
C ILE A 61 12.37 -20.40 -19.95
N GLY A 62 13.06 -19.96 -21.01
CA GLY A 62 13.89 -18.77 -20.99
C GLY A 62 14.88 -18.69 -19.86
N THR A 63 15.87 -19.58 -19.85
CA THR A 63 16.89 -19.55 -18.81
C THR A 63 17.63 -18.22 -18.95
N SER A 64 17.81 -17.50 -17.85
CA SER A 64 18.15 -16.10 -17.96
C SER A 64 18.92 -15.62 -16.74
N VAL A 65 18.25 -15.74 -15.61
CA VAL A 65 18.46 -14.88 -14.46
C VAL A 65 19.80 -14.89 -13.73
N GLU A 66 20.16 -13.70 -13.25
CA GLU A 66 21.02 -13.60 -12.10
C GLU A 66 20.28 -14.35 -11.01
N GLU A 67 20.92 -15.37 -10.43
CA GLU A 67 20.22 -16.26 -9.50
C GLU A 67 19.57 -15.54 -8.33
N SER A 68 20.12 -14.39 -7.94
CA SER A 68 19.61 -13.66 -6.80
C SER A 68 18.27 -12.99 -7.12
N ASP A 69 17.96 -12.88 -8.41
CA ASP A 69 16.69 -12.29 -8.85
C ASP A 69 15.56 -13.31 -8.92
N MET A 70 15.90 -14.59 -8.87
CA MET A 70 14.87 -15.63 -8.80
C MET A 70 14.06 -15.43 -7.53
N PHE A 71 12.85 -15.98 -7.49
CA PHE A 71 12.09 -15.94 -6.27
C PHE A 71 12.21 -17.27 -5.52
N MET A 72 11.84 -18.34 -6.19
CA MET A 72 12.00 -19.68 -5.62
C MET A 72 13.41 -20.16 -5.91
N PRO A 73 14.16 -20.51 -4.85
CA PRO A 73 15.58 -20.83 -5.03
C PRO A 73 15.81 -22.05 -5.91
N ARG A 74 16.97 -22.07 -6.54
CA ARG A 74 17.27 -23.08 -7.54
C ARG A 74 17.41 -24.47 -6.94
N SER A 75 17.95 -24.54 -5.72
CA SER A 75 18.30 -25.81 -5.09
C SER A 75 17.08 -26.65 -4.69
N ILE A 76 15.91 -26.03 -4.64
CA ILE A 76 14.70 -26.76 -4.27
C ILE A 76 13.68 -26.79 -5.40
N GLY A 77 14.15 -26.64 -6.62
CA GLY A 77 13.30 -26.87 -7.78
C GLY A 77 12.89 -25.63 -8.57
N GLY A 78 13.24 -24.46 -8.06
CA GLY A 78 12.88 -23.22 -8.73
C GLY A 78 13.54 -23.06 -10.09
N PRO A 79 12.73 -22.93 -11.14
CA PRO A 79 13.24 -22.77 -12.51
C PRO A 79 14.20 -21.60 -12.65
N VAL A 80 15.38 -21.87 -13.20
CA VAL A 80 16.35 -20.82 -13.46
C VAL A 80 15.85 -20.00 -14.63
N SER A 81 14.96 -19.05 -14.34
CA SER A 81 14.25 -18.37 -15.41
C SER A 81 13.76 -16.98 -15.02
N SER A 82 13.72 -16.10 -16.02
CA SER A 82 13.12 -14.78 -15.88
C SER A 82 11.66 -14.86 -15.43
N HIS A 83 11.03 -15.99 -15.70
CA HIS A 83 9.64 -16.21 -15.32
C HIS A 83 9.51 -16.46 -13.82
N ASN A 84 10.59 -16.93 -13.19
CA ASN A 84 10.61 -17.20 -11.75
C ASN A 84 11.10 -15.97 -10.98
N ARG A 85 10.20 -15.00 -10.80
CA ARG A 85 10.60 -13.73 -10.22
C ARG A 85 9.38 -12.93 -9.75
N ILE A 86 9.54 -12.16 -8.69
CA ILE A 86 8.50 -11.23 -8.23
C ILE A 86 9.14 -9.87 -7.94
N PRO A 87 8.82 -8.86 -8.77
CA PRO A 87 9.40 -7.52 -8.64
C PRO A 87 9.35 -7.00 -7.21
N GLY A 88 10.48 -6.60 -6.66
CA GLY A 88 10.51 -6.08 -5.31
C GLY A 88 10.96 -7.09 -4.28
N TYR A 89 11.11 -8.35 -4.70
CA TYR A 89 11.57 -9.42 -3.83
C TYR A 89 12.73 -10.16 -4.49
N LYS A 90 13.67 -10.62 -3.68
CA LYS A 90 14.80 -11.38 -4.23
C LYS A 90 14.73 -12.83 -3.75
N VAL A 91 15.73 -13.64 -4.10
CA VAL A 91 15.67 -15.08 -3.89
C VAL A 91 15.38 -15.45 -2.44
N GLN A 92 14.39 -16.31 -2.25
CA GLN A 92 13.91 -16.64 -0.92
C GLN A 92 14.71 -17.80 -0.30
N THR A 93 16.02 -17.55 -0.15
CA THR A 93 16.95 -18.52 0.42
C THR A 93 16.49 -19.08 1.77
N ASN A 94 15.88 -18.24 2.58
CA ASN A 94 15.38 -18.68 3.88
C ASN A 94 13.87 -18.51 3.97
N GLY A 95 13.18 -18.74 2.85
CA GLY A 95 11.74 -18.70 2.81
C GLY A 95 11.12 -19.88 3.54
N PRO A 96 9.79 -19.85 3.73
CA PRO A 96 9.06 -20.88 4.48
C PRO A 96 8.70 -22.09 3.61
N TRP A 97 9.66 -22.60 2.86
CA TRP A 97 9.39 -23.59 1.82
C TRP A 97 9.06 -24.99 2.37
N MET A 98 9.31 -25.22 3.66
CA MET A 98 8.98 -26.50 4.25
C MET A 98 7.55 -26.55 4.79
N GLN A 99 6.85 -25.42 4.75
CA GLN A 99 5.49 -25.39 5.31
C GLN A 99 4.45 -25.87 4.28
N VAL A 100 4.74 -26.99 3.63
CA VAL A 100 3.87 -27.52 2.58
C VAL A 100 2.66 -28.26 3.13
N PRO A 101 1.52 -28.22 2.41
CA PRO A 101 1.32 -27.53 1.13
C PRO A 101 1.24 -26.00 1.25
N LEU A 102 1.80 -25.30 0.27
CA LEU A 102 1.93 -23.84 0.30
C LEU A 102 1.26 -23.20 -0.90
N GLU A 103 0.81 -21.95 -0.75
CA GLU A 103 0.51 -21.15 -1.92
C GLU A 103 0.87 -19.68 -1.68
N VAL A 104 1.38 -19.02 -2.70
CA VAL A 104 1.77 -17.62 -2.55
C VAL A 104 0.62 -16.72 -2.96
N LYS A 105 0.40 -15.66 -2.20
CA LYS A 105 -0.65 -14.69 -2.51
C LYS A 105 -0.10 -13.27 -2.41
N ARG A 106 -0.77 -12.33 -3.07
CA ARG A 106 -0.42 -10.92 -2.93
C ARG A 106 -1.45 -10.29 -2.02
N GLU A 107 -1.16 -10.29 -0.73
CA GLU A 107 -2.20 -10.11 0.26
C GLU A 107 -1.60 -10.09 1.65
N VAL A 108 -2.07 -9.17 2.48
CA VAL A 108 -1.61 -9.11 3.86
C VAL A 108 -2.03 -10.39 4.58
N CYS A 109 -1.15 -10.91 5.45
CA CYS A 109 -1.53 -11.96 6.37
C CYS A 109 -2.64 -11.44 7.28
N PRO A 110 -3.58 -12.31 7.65
CA PRO A 110 -4.76 -11.89 8.44
C PRO A 110 -4.38 -11.09 9.69
N GLY A 111 -5.04 -9.96 9.88
CA GLY A 111 -4.85 -9.15 11.07
C GLY A 111 -3.54 -8.35 11.10
N THR A 112 -2.77 -8.41 10.02
CA THR A 112 -1.49 -7.72 9.99
C THR A 112 -1.50 -6.54 9.01
N SER A 113 -0.41 -5.79 8.98
CA SER A 113 -0.19 -4.73 8.00
C SER A 113 1.30 -4.65 7.71
N VAL A 114 1.65 -4.26 6.48
CA VAL A 114 3.04 -4.10 6.10
C VAL A 114 3.26 -2.69 5.57
N VAL A 115 4.28 -1.99 6.07
CA VAL A 115 4.61 -0.67 5.54
C VAL A 115 5.99 -0.67 4.89
N VAL A 116 6.14 0.11 3.82
CA VAL A 116 7.45 0.27 3.20
C VAL A 116 8.16 1.42 3.91
N ASP A 117 9.32 1.13 4.48
CA ASP A 117 10.06 2.13 5.23
C ASP A 117 11.55 1.80 5.16
N SER A 118 12.34 2.76 4.70
CA SER A 118 13.76 2.55 4.49
C SER A 118 14.50 2.28 5.81
N ASN A 119 13.88 2.64 6.93
CA ASN A 119 14.49 2.43 8.24
C ASN A 119 14.25 1.03 8.80
N CYS A 120 13.37 0.27 8.14
CA CYS A 120 13.11 -1.11 8.53
C CYS A 120 14.39 -1.94 8.44
N ASP A 121 14.46 -3.01 9.21
CA ASP A 121 15.56 -3.97 9.10
C ASP A 121 15.59 -4.57 7.69
N GLY A 122 16.74 -5.13 7.33
CA GLY A 122 16.91 -5.75 6.02
C GLY A 122 16.39 -7.18 6.01
N ARG A 123 16.79 -7.93 4.99
CA ARG A 123 16.32 -9.29 4.83
C ARG A 123 16.72 -10.18 6.00
N GLY A 124 15.80 -11.02 6.44
CA GLY A 124 16.09 -12.03 7.45
C GLY A 124 15.37 -13.34 7.13
N LYS A 125 15.41 -14.28 8.07
CA LYS A 125 14.67 -15.53 7.94
C LYS A 125 13.17 -15.26 7.85
N SER A 126 12.47 -16.03 7.00
CA SER A 126 11.02 -15.88 6.89
C SER A 126 10.34 -16.17 8.21
N THR A 127 9.31 -15.37 8.51
CA THR A 127 8.70 -15.38 9.83
C THR A 127 7.19 -15.52 9.73
N ARG A 128 6.60 -16.29 10.65
CA ARG A 128 5.17 -16.55 10.62
C ARG A 128 4.38 -15.37 11.18
N SER A 129 3.16 -15.19 10.71
CA SER A 129 2.36 -14.04 11.14
C SER A 129 1.90 -14.19 12.59
N THR A 130 1.89 -15.43 13.07
CA THR A 130 1.53 -15.71 14.47
C THR A 130 2.73 -16.19 15.28
N THR A 131 2.70 -15.85 16.56
CA THR A 131 3.73 -16.27 17.50
C THR A 131 3.54 -17.75 17.87
N ASP A 132 4.47 -18.30 18.66
CA ASP A 132 4.40 -19.70 19.05
C ASP A 132 3.29 -19.97 20.09
N SER A 133 2.48 -18.96 20.38
CA SER A 133 1.28 -19.13 21.18
C SER A 133 0.07 -18.67 20.36
N GLY A 134 0.25 -18.58 19.04
CA GLY A 134 -0.83 -18.32 18.12
C GLY A 134 -1.36 -16.90 18.15
N LYS A 135 -0.59 -15.98 18.69
CA LYS A 135 -1.01 -14.59 18.72
C LYS A 135 -0.52 -13.88 17.46
N ILE A 136 -1.41 -13.08 16.88
CA ILE A 136 -1.10 -12.35 15.65
C ILE A 136 -0.17 -11.16 15.91
N ILE A 137 0.87 -11.05 15.08
CA ILE A 137 1.79 -9.93 15.11
C ILE A 137 1.28 -8.84 14.17
N PRO A 138 0.79 -7.73 14.73
CA PRO A 138 0.01 -6.78 13.93
C PRO A 138 0.81 -5.97 12.90
N GLU A 139 2.06 -5.63 13.20
CA GLU A 139 2.77 -4.65 12.37
C GLU A 139 4.09 -5.17 11.82
N TRP A 140 4.24 -4.98 10.50
CA TRP A 140 5.41 -5.43 9.76
C TRP A 140 5.90 -4.30 8.84
N CYS A 141 7.17 -4.37 8.45
CA CYS A 141 7.73 -3.41 7.51
C CYS A 141 8.68 -4.08 6.53
N CYS A 142 8.96 -3.41 5.42
CA CYS A 142 10.02 -3.85 4.53
C CYS A 142 10.70 -2.63 3.96
N ARG A 143 11.98 -2.74 3.62
CA ARG A 143 12.73 -1.62 3.09
C ARG A 143 12.23 -1.14 1.73
N SER A 144 11.95 -2.06 0.81
CA SER A 144 11.59 -1.65 -0.55
C SER A 144 10.81 -2.68 -1.37
N CYS A 145 10.12 -3.60 -0.71
CA CYS A 145 9.32 -4.57 -1.44
C CYS A 145 8.09 -3.90 -2.04
N THR A 146 7.46 -4.58 -3.00
CA THR A 146 6.30 -4.02 -3.69
C THR A 146 5.00 -4.48 -3.04
N MET A 147 4.01 -3.58 -3.04
CA MET A 147 2.70 -3.88 -2.48
C MET A 147 1.74 -4.29 -3.59
N PRO A 148 0.68 -5.06 -3.26
CA PRO A 148 0.39 -5.69 -1.96
C PRO A 148 1.41 -6.77 -1.62
N PRO A 149 1.66 -7.00 -0.33
CA PRO A 149 2.76 -7.88 0.07
C PRO A 149 2.62 -9.34 -0.39
N VAL A 150 3.76 -9.94 -0.70
CA VAL A 150 3.84 -11.38 -0.88
C VAL A 150 3.60 -12.05 0.46
N SER A 151 2.75 -13.07 0.46
CA SER A 151 2.53 -13.88 1.66
C SER A 151 2.40 -15.36 1.29
N PHE A 152 3.00 -16.23 2.11
CA PHE A 152 2.91 -17.67 1.95
C PHE A 152 1.84 -18.25 2.85
N HIS A 153 0.85 -18.93 2.27
CA HIS A 153 -0.17 -19.56 3.07
C HIS A 153 0.07 -21.06 3.08
N GLY A 154 0.51 -21.56 4.24
CA GLY A 154 0.94 -22.94 4.36
C GLY A 154 0.36 -23.71 5.53
N SER A 155 0.93 -24.89 5.77
CA SER A 155 0.39 -25.88 6.70
C SER A 155 0.04 -25.31 8.07
N ASP A 156 0.95 -24.53 8.65
CA ASP A 156 0.74 -24.00 9.99
C ASP A 156 0.40 -22.52 9.98
N GLY A 157 -0.17 -22.03 8.88
CA GLY A 157 -0.63 -20.65 8.84
C GLY A 157 0.10 -19.81 7.84
N CYS A 158 0.19 -18.51 8.12
CA CYS A 158 0.66 -17.52 7.14
C CYS A 158 2.07 -17.00 7.45
N TRP A 159 2.93 -16.98 6.43
CA TRP A 159 4.31 -16.55 6.56
C TRP A 159 4.63 -15.38 5.63
N TYR A 160 5.62 -14.58 5.99
CA TYR A 160 6.08 -13.50 5.12
C TYR A 160 7.43 -13.83 4.49
N PRO A 161 7.74 -13.20 3.35
CA PRO A 161 9.06 -13.42 2.73
C PRO A 161 10.19 -12.79 3.54
N MET A 162 11.42 -13.03 3.10
CA MET A 162 12.59 -12.55 3.82
C MET A 162 12.58 -11.04 4.02
N GLU A 163 12.10 -10.30 3.02
CA GLU A 163 12.09 -8.84 3.02
C GLU A 163 11.22 -8.24 4.12
N ILE A 164 10.15 -8.95 4.48
CA ILE A 164 9.15 -8.40 5.39
C ILE A 164 9.38 -8.81 6.85
N ARG A 165 9.65 -7.81 7.69
CA ARG A 165 10.09 -8.00 9.08
C ARG A 165 9.03 -7.63 10.12
N PRO A 166 8.95 -8.39 11.22
CA PRO A 166 8.02 -8.07 12.31
C PRO A 166 8.46 -6.84 13.11
N MET A 167 7.51 -6.00 13.52
CA MET A 167 7.82 -4.82 14.34
C MET A 167 7.26 -4.94 15.75
N LYS A 168 7.84 -4.16 16.67
CA LYS A 168 7.37 -4.05 18.05
C LYS A 168 7.05 -5.40 18.66
N THR A 169 7.97 -6.35 18.51
CA THR A 169 7.70 -7.69 18.99
C THR A 169 8.94 -8.33 19.57
N SER A 170 8.78 -8.94 20.75
CA SER A 170 9.83 -9.78 21.29
C SER A 170 10.21 -10.89 20.32
N ASP A 171 11.48 -11.24 20.35
CA ASP A 171 12.09 -12.16 19.41
C ASP A 171 11.81 -13.60 19.86
N SER A 172 11.84 -13.83 21.16
CA SER A 172 11.81 -15.20 21.70
C SER A 172 10.59 -16.00 21.27
N HIS A 173 9.48 -15.34 20.98
CA HIS A 173 8.29 -16.10 20.61
C HIS A 173 8.00 -16.06 19.10
N LEU A 174 8.97 -15.60 18.31
CA LEU A 174 8.86 -15.62 16.86
C LEU A 174 9.09 -17.02 16.30
N VAL A 175 8.43 -17.32 15.18
CA VAL A 175 8.61 -18.59 14.49
C VAL A 175 9.28 -18.37 13.14
N ARG A 176 10.49 -18.88 12.97
CA ARG A 176 11.25 -18.70 11.74
C ARG A 176 11.47 -20.00 10.98
N SER A 177 11.71 -19.86 9.67
CA SER A 177 12.02 -21.00 8.81
C SER A 177 13.47 -21.45 8.95
N TRP A 178 13.66 -22.77 8.82
CA TRP A 178 14.98 -23.38 8.93
C TRP A 178 15.63 -23.57 7.55
N VAL A 179 14.90 -23.23 6.49
CA VAL A 179 15.37 -23.49 5.14
C VAL A 179 16.64 -22.71 4.82
N THR A 180 17.62 -23.41 4.27
CA THR A 180 18.81 -22.78 3.71
C THR A 180 18.99 -23.33 2.30
N ALA A 181 18.35 -22.67 1.34
CA ALA A 181 18.28 -23.18 -0.02
C ALA A 181 19.32 -22.55 -0.94
N SER B 5 29.14 33.38 -3.28
CA SER B 5 29.56 34.77 -3.20
C SER B 5 28.82 35.50 -2.07
N VAL B 6 27.50 35.32 -2.02
CA VAL B 6 26.65 36.09 -1.10
C VAL B 6 25.79 35.21 -0.19
N ASP B 7 25.92 35.42 1.11
CA ASP B 7 25.07 34.73 2.09
C ASP B 7 23.66 35.30 2.10
N CYS B 8 22.69 34.46 2.44
CA CYS B 8 21.33 34.94 2.68
C CYS B 8 21.32 35.84 3.92
N ASP B 9 20.32 36.70 4.01
CA ASP B 9 20.21 37.64 5.12
C ASP B 9 19.92 36.93 6.45
N GLY B 10 20.92 36.91 7.33
CA GLY B 10 20.83 36.19 8.59
C GLY B 10 19.87 36.79 9.60
N ALA B 11 19.47 38.03 9.38
CA ALA B 11 18.63 38.75 10.34
C ALA B 11 17.24 38.12 10.48
N ILE B 12 16.84 37.34 9.49
CA ILE B 12 15.52 36.73 9.49
C ILE B 12 15.56 35.21 9.45
N LEU B 13 16.76 34.63 9.60
CA LEU B 13 16.93 33.18 9.60
C LEU B 13 17.03 32.62 11.00
N GLY B 14 16.64 31.36 11.15
CA GLY B 14 16.68 30.70 12.44
C GLY B 14 16.94 29.22 12.29
N ALA B 15 17.41 28.61 13.38
CA ALA B 15 17.59 27.17 13.43
C ALA B 15 17.55 26.73 14.89
N ALA B 16 17.14 25.49 15.10
CA ALA B 16 17.02 24.97 16.45
C ALA B 16 17.11 23.45 16.45
N VAL B 17 17.73 22.89 17.48
CA VAL B 17 17.78 21.44 17.65
C VAL B 17 17.50 21.18 19.12
N ASN B 18 16.74 20.12 19.41
CA ASN B 18 16.42 19.67 20.77
C ASN B 18 16.25 18.16 20.73
N GLY B 19 17.16 17.47 21.41
CA GLY B 19 17.15 16.01 21.45
C GLY B 19 17.27 15.39 20.07
N LYS B 20 16.19 14.79 19.60
CA LYS B 20 16.20 14.13 18.29
C LYS B 20 15.40 14.91 17.24
N LYS B 21 15.20 16.21 17.48
CA LYS B 21 14.45 17.03 16.53
C LYS B 21 15.23 18.29 16.16
N SER B 22 15.08 18.74 14.92
CA SER B 22 15.67 20.02 14.52
C SER B 22 14.88 20.68 13.42
N ALA B 23 15.18 21.95 13.19
CA ALA B 23 14.61 22.69 12.08
C ALA B 23 15.50 23.87 11.70
N HIS B 24 15.60 24.14 10.40
CA HIS B 24 16.12 25.40 9.86
C HIS B 24 14.97 26.14 9.22
N GLY B 25 14.91 27.46 9.35
CA GLY B 25 13.75 28.18 8.89
C GLY B 25 13.90 29.67 8.65
N SER B 26 12.99 30.19 7.83
CA SER B 26 12.92 31.61 7.47
C SER B 26 11.47 31.84 7.02
N PRO B 27 11.05 33.10 6.84
CA PRO B 27 9.66 33.32 6.43
C PRO B 27 9.26 32.60 5.13
N THR B 28 10.23 32.27 4.28
CA THR B 28 9.93 31.58 3.03
C THR B 28 10.49 30.16 2.99
N PHE B 29 10.86 29.59 4.13
CA PHE B 29 11.56 28.32 4.11
C PHE B 29 11.45 27.54 5.42
N TRP B 30 11.27 26.22 5.31
CA TRP B 30 11.23 25.38 6.50
C TRP B 30 11.75 23.98 6.22
N MET B 31 12.85 23.63 6.87
CA MET B 31 13.40 22.29 6.80
C MET B 31 13.39 21.66 8.19
N GLY B 32 12.46 20.74 8.41
CA GLY B 32 12.42 19.98 9.64
C GLY B 32 13.11 18.65 9.49
N SER B 33 14.00 18.35 10.43
CA SER B 33 14.78 17.13 10.41
C SER B 33 14.68 16.40 11.76
N HIS B 34 15.04 15.13 11.77
CA HIS B 34 15.05 14.36 13.01
C HIS B 34 16.03 13.20 12.94
N GLU B 35 16.32 12.62 14.10
CA GLU B 35 17.29 11.54 14.17
C GLU B 35 16.59 10.19 14.27
N VAL B 36 16.81 9.34 13.28
CA VAL B 36 16.24 8.00 13.26
C VAL B 36 17.35 6.99 13.06
N ASN B 37 17.36 5.95 13.90
CA ASN B 37 18.37 4.91 13.84
C ASN B 37 19.78 5.47 13.86
N GLY B 38 19.98 6.48 14.71
CA GLY B 38 21.27 7.13 14.84
C GLY B 38 21.63 8.09 13.72
N THR B 39 20.73 8.27 12.76
CA THR B 39 21.02 9.09 11.58
C THR B 39 20.05 10.26 11.43
N TRP B 40 20.60 11.47 11.30
CA TRP B 40 19.78 12.66 11.04
C TRP B 40 19.30 12.71 9.58
N MET B 41 18.03 13.03 9.40
CA MET B 41 17.46 13.12 8.06
C MET B 41 16.28 14.07 8.01
N ILE B 42 15.98 14.55 6.81
CA ILE B 42 14.87 15.47 6.59
C ILE B 42 13.51 14.77 6.66
N HIS B 43 12.57 15.35 7.39
CA HIS B 43 11.19 14.83 7.37
C HIS B 43 10.24 15.85 6.75
N THR B 44 10.67 17.10 6.73
CA THR B 44 9.86 18.17 6.15
C THR B 44 10.75 19.14 5.39
N LEU B 45 10.36 19.49 4.16
CA LEU B 45 11.08 20.50 3.41
C LEU B 45 10.08 21.29 2.58
N GLU B 46 9.92 22.56 2.93
CA GLU B 46 8.97 23.46 2.28
C GLU B 46 9.68 24.73 1.87
N THR B 47 9.46 25.17 0.64
CA THR B 47 10.03 26.42 0.14
C THR B 47 8.96 27.24 -0.55
N LEU B 48 8.91 28.53 -0.24
CA LEU B 48 7.91 29.41 -0.84
C LEU B 48 8.52 30.27 -1.93
N ASP B 49 9.85 30.25 -2.04
CA ASP B 49 10.50 31.10 -3.03
C ASP B 49 11.86 30.52 -3.41
N TYR B 50 12.36 30.93 -4.57
CA TYR B 50 13.63 30.44 -5.09
C TYR B 50 14.67 31.57 -5.13
N LYS B 51 15.79 31.37 -4.44
CA LYS B 51 16.85 32.37 -4.40
C LYS B 51 18.23 31.72 -4.56
N GLU B 52 19.17 32.44 -5.14
CA GLU B 52 20.54 31.95 -5.23
C GLU B 52 21.42 32.66 -4.19
N CYS B 53 21.36 32.15 -2.96
CA CYS B 53 22.17 32.63 -1.85
C CYS B 53 22.51 31.48 -0.92
N GLU B 54 23.57 31.62 -0.13
CA GLU B 54 24.00 30.54 0.74
C GLU B 54 23.53 30.75 2.19
N TRP B 55 23.05 29.67 2.80
CA TRP B 55 22.69 29.69 4.21
C TRP B 55 23.96 29.95 5.01
N PRO B 56 23.96 31.02 5.82
CA PRO B 56 25.16 31.37 6.60
C PRO B 56 25.55 30.28 7.60
N LEU B 57 26.82 29.91 7.61
CA LEU B 57 27.33 28.87 8.49
C LEU B 57 27.07 29.22 9.97
N THR B 58 27.02 30.51 10.27
CA THR B 58 26.74 30.98 11.62
C THR B 58 25.35 30.58 12.10
N HIS B 59 24.44 30.36 11.15
CA HIS B 59 23.08 29.95 11.49
C HIS B 59 22.82 28.50 11.12
N THR B 60 23.89 27.72 10.96
CA THR B 60 23.79 26.34 10.52
C THR B 60 24.02 25.34 11.66
N ILE B 61 23.07 24.44 11.89
CA ILE B 61 23.25 23.36 12.86
C ILE B 61 24.06 22.21 12.27
N GLY B 62 25.09 21.80 12.98
CA GLY B 62 25.91 20.66 12.59
C GLY B 62 26.47 20.71 11.19
N THR B 63 27.14 21.79 10.82
CA THR B 63 27.74 21.85 9.50
C THR B 63 28.92 20.87 9.47
N SER B 64 28.86 19.91 8.54
CA SER B 64 29.81 18.80 8.56
C SER B 64 29.99 18.12 7.21
N VAL B 65 28.85 17.75 6.63
CA VAL B 65 28.80 16.74 5.57
C VAL B 65 29.63 16.96 4.33
N GLU B 66 29.85 15.85 3.63
CA GLU B 66 30.12 15.84 2.21
C GLU B 66 29.06 16.73 1.56
N GLU B 67 29.47 17.67 0.72
CA GLU B 67 28.49 18.54 0.08
C GLU B 67 27.57 17.75 -0.84
N SER B 68 28.09 16.65 -1.39
CA SER B 68 27.31 15.81 -2.29
C SER B 68 26.25 14.99 -1.56
N ASP B 69 26.37 14.91 -0.23
CA ASP B 69 25.40 14.16 0.58
C ASP B 69 24.29 15.04 1.12
N MET B 70 24.41 16.34 0.91
CA MET B 70 23.29 17.25 1.16
C MET B 70 22.12 16.90 0.24
N PHE B 71 20.91 17.25 0.63
CA PHE B 71 19.79 17.09 -0.28
C PHE B 71 19.55 18.39 -1.04
N MET B 72 19.27 19.45 -0.30
CA MET B 72 19.09 20.76 -0.90
C MET B 72 20.43 21.44 -1.10
N PRO B 73 20.76 21.77 -2.36
CA PRO B 73 22.06 22.33 -2.75
C PRO B 73 22.42 23.61 -2.01
N ARG B 74 23.70 23.74 -1.69
CA ARG B 74 24.23 24.89 -0.96
C ARG B 74 23.93 26.22 -1.66
N SER B 75 24.07 26.25 -2.98
CA SER B 75 24.01 27.50 -3.73
C SER B 75 22.61 28.10 -3.79
N ILE B 76 21.60 27.35 -3.36
CA ILE B 76 20.26 27.92 -3.34
C ILE B 76 19.66 27.98 -1.94
N GLY B 77 20.52 27.93 -0.93
CA GLY B 77 20.08 28.14 0.43
C GLY B 77 19.99 26.89 1.28
N GLY B 78 20.39 25.76 0.72
CA GLY B 78 20.41 24.51 1.46
C GLY B 78 21.45 24.58 2.55
N PRO B 79 21.03 24.45 3.81
CA PRO B 79 21.96 24.50 4.93
C PRO B 79 23.04 23.43 4.77
N VAL B 80 24.30 23.83 4.85
CA VAL B 80 25.39 22.87 4.73
C VAL B 80 25.43 22.09 6.03
N SER B 81 24.65 21.03 6.10
CA SER B 81 24.40 20.36 7.37
C SER B 81 24.15 18.88 7.25
N SER B 82 24.47 18.15 8.31
CA SER B 82 24.13 16.75 8.43
C SER B 82 22.62 16.59 8.47
N HIS B 83 21.92 17.63 8.91
CA HIS B 83 20.46 17.61 9.00
C HIS B 83 19.79 17.77 7.63
N ASN B 84 20.55 18.29 6.66
CA ASN B 84 20.05 18.47 5.31
C ASN B 84 20.42 17.25 4.48
N ARG B 85 19.67 16.17 4.67
CA ARG B 85 20.02 14.90 4.04
C ARG B 85 18.83 13.96 3.99
N ILE B 86 18.75 13.17 2.92
CA ILE B 86 17.77 12.11 2.83
C ILE B 86 18.49 10.88 2.30
N PRO B 87 18.68 9.88 3.17
CA PRO B 87 19.36 8.62 2.83
C PRO B 87 18.81 8.00 1.55
N GLY B 88 19.70 7.71 0.61
CA GLY B 88 19.30 7.09 -0.65
C GLY B 88 19.27 8.12 -1.76
N TYR B 89 19.47 9.37 -1.40
CA TYR B 89 19.48 10.46 -2.38
C TYR B 89 20.68 11.37 -2.15
N LYS B 90 21.29 11.83 -3.22
CA LYS B 90 22.38 12.80 -3.08
C LYS B 90 21.96 14.17 -3.59
N VAL B 91 22.90 15.11 -3.58
CA VAL B 91 22.59 16.53 -3.76
C VAL B 91 21.78 16.78 -5.04
N GLN B 92 20.69 17.52 -4.88
CA GLN B 92 19.74 17.71 -5.98
C GLN B 92 20.07 18.95 -6.78
N THR B 93 21.27 18.95 -7.35
CA THR B 93 21.83 20.00 -8.22
C THR B 93 20.83 20.43 -9.31
N ASN B 94 20.06 19.45 -9.73
CA ASN B 94 19.27 19.47 -10.93
C ASN B 94 17.81 19.23 -10.64
N GLY B 95 17.47 19.49 -9.38
CA GLY B 95 16.11 19.43 -8.86
C GLY B 95 15.16 20.53 -9.31
N PRO B 96 13.87 20.33 -9.04
CA PRO B 96 12.81 21.25 -9.47
C PRO B 96 12.61 22.39 -8.48
N TRP B 97 13.71 22.94 -7.98
CA TRP B 97 13.66 23.92 -6.90
C TRP B 97 13.01 25.24 -7.30
N MET B 98 12.88 25.48 -8.61
CA MET B 98 12.27 26.72 -9.06
C MET B 98 10.75 26.64 -9.08
N GLN B 99 10.21 25.44 -8.94
CA GLN B 99 8.76 25.27 -9.07
C GLN B 99 8.05 25.60 -7.76
N VAL B 100 8.27 26.80 -7.25
CA VAL B 100 7.78 27.18 -5.94
C VAL B 100 6.39 27.82 -6.02
N PRO B 101 5.60 27.72 -4.93
CA PRO B 101 5.87 27.01 -3.67
C PRO B 101 5.97 25.50 -3.83
N LEU B 102 6.92 24.91 -3.12
CA LEU B 102 7.21 23.48 -3.17
C LEU B 102 7.07 22.84 -1.80
N GLU B 103 6.81 21.53 -1.77
CA GLU B 103 7.03 20.75 -0.57
C GLU B 103 7.46 19.34 -0.92
N VAL B 104 8.35 18.77 -0.11
CA VAL B 104 8.84 17.43 -0.34
C VAL B 104 8.02 16.41 0.43
N LYS B 105 7.65 15.32 -0.23
CA LYS B 105 6.93 14.23 0.43
C LYS B 105 7.60 12.89 0.16
N ARG B 106 7.30 11.89 0.98
CA ARG B 106 7.74 10.52 0.74
C ARG B 106 6.55 9.76 0.21
N GLU B 107 6.40 9.74 -1.10
CA GLU B 107 5.11 9.45 -1.69
C GLU B 107 5.20 9.43 -3.22
N VAL B 108 4.58 8.42 -3.81
CA VAL B 108 4.57 8.32 -5.26
C VAL B 108 3.79 9.47 -5.89
N CYS B 109 4.29 10.02 -7.00
CA CYS B 109 3.51 10.96 -7.80
C CYS B 109 2.26 10.24 -8.30
N PRO B 110 1.11 10.93 -8.27
CA PRO B 110 -0.20 10.38 -8.65
C PRO B 110 -0.17 9.65 -9.99
N GLY B 111 -0.64 8.41 -9.99
CA GLY B 111 -0.72 7.63 -11.22
C GLY B 111 0.62 7.11 -11.70
N THR B 112 1.64 7.17 -10.86
CA THR B 112 2.94 6.62 -11.25
C THR B 112 3.37 5.51 -10.30
N SER B 113 4.46 4.83 -10.66
CA SER B 113 5.09 3.89 -9.76
C SER B 113 6.60 4.02 -9.91
N VAL B 114 7.32 3.71 -8.84
CA VAL B 114 8.77 3.75 -8.84
C VAL B 114 9.33 2.41 -8.38
N VAL B 115 10.21 1.80 -9.17
CA VAL B 115 10.84 0.54 -8.75
C VAL B 115 12.36 0.70 -8.55
N VAL B 116 12.92 -0.09 -7.64
CA VAL B 116 14.36 -0.07 -7.43
C VAL B 116 15.01 -1.14 -8.33
N ASP B 117 15.97 -0.72 -9.15
CA ASP B 117 16.57 -1.60 -10.14
C ASP B 117 17.93 -1.08 -10.58
N SER B 118 18.95 -1.92 -10.46
CA SER B 118 20.32 -1.54 -10.80
C SER B 118 20.50 -1.24 -12.28
N ASN B 119 19.58 -1.76 -13.11
CA ASN B 119 19.67 -1.57 -14.56
C ASN B 119 19.16 -0.20 -14.98
N CYS B 120 18.56 0.52 -14.03
CA CYS B 120 18.00 1.84 -14.29
C CYS B 120 19.08 2.81 -14.77
N ASP B 121 18.67 3.84 -15.50
CA ASP B 121 19.57 4.95 -15.83
C ASP B 121 20.12 5.58 -14.54
N GLY B 122 21.22 6.30 -14.66
CA GLY B 122 21.80 7.00 -13.53
C GLY B 122 21.03 8.26 -13.19
N ARG B 123 21.61 9.10 -12.35
CA ARG B 123 21.00 10.38 -12.02
C ARG B 123 20.88 11.24 -13.27
N GLY B 124 19.79 11.99 -13.38
CA GLY B 124 19.62 12.95 -14.46
C GLY B 124 18.90 14.19 -13.96
N LYS B 125 18.49 15.06 -14.88
CA LYS B 125 17.70 16.22 -14.51
C LYS B 125 16.34 15.78 -13.99
N SER B 126 15.86 16.43 -12.94
CA SER B 126 14.53 16.14 -12.39
C SER B 126 13.47 16.31 -13.47
N THR B 127 12.45 15.47 -13.41
CA THR B 127 11.44 15.39 -14.47
C THR B 127 10.05 15.48 -13.86
N ARG B 128 9.15 16.20 -14.51
CA ARG B 128 7.78 16.30 -14.04
C ARG B 128 7.08 14.98 -14.30
N SER B 129 6.10 14.63 -13.46
CA SER B 129 5.40 13.35 -13.61
C SER B 129 4.43 13.42 -14.78
N THR B 130 4.18 14.64 -15.26
CA THR B 130 3.32 14.84 -16.41
C THR B 130 4.08 15.44 -17.60
N THR B 131 3.70 15.01 -18.80
CA THR B 131 4.31 15.51 -20.02
C THR B 131 3.87 16.94 -20.31
N ASP B 132 4.46 17.56 -21.33
CA ASP B 132 4.11 18.93 -21.70
C ASP B 132 2.70 19.01 -22.30
N SER B 133 2.04 17.86 -22.42
CA SER B 133 0.65 17.81 -22.85
C SER B 133 -0.23 17.42 -21.67
N GLY B 134 0.38 17.30 -20.49
CA GLY B 134 -0.36 17.04 -19.27
C GLY B 134 -0.70 15.59 -19.06
N LYS B 135 0.02 14.71 -19.74
CA LYS B 135 -0.26 13.28 -19.64
C LYS B 135 0.69 12.60 -18.65
N ILE B 136 0.13 11.74 -17.80
CA ILE B 136 0.91 11.10 -16.75
C ILE B 136 1.90 10.08 -17.32
N ILE B 137 3.12 10.09 -16.80
CA ILE B 137 4.11 9.08 -17.14
C ILE B 137 4.08 7.98 -16.08
N PRO B 138 3.55 6.81 -16.44
CA PRO B 138 3.23 5.74 -15.47
C PRO B 138 4.41 5.10 -14.76
N GLU B 139 5.54 4.92 -15.44
CA GLU B 139 6.58 4.05 -14.88
C GLU B 139 7.93 4.71 -14.71
N TRP B 140 8.49 4.54 -13.51
CA TRP B 140 9.77 5.13 -13.15
C TRP B 140 10.62 4.13 -12.39
N CYS B 141 11.94 4.28 -12.49
CA CYS B 141 12.85 3.43 -11.72
C CYS B 141 13.98 4.24 -11.09
N CYS B 142 14.70 3.63 -10.16
CA CYS B 142 15.90 4.26 -9.61
C CYS B 142 16.89 3.17 -9.21
N ARG B 143 18.18 3.46 -9.39
CA ARG B 143 19.20 2.45 -9.16
C ARG B 143 19.25 2.01 -7.70
N SER B 144 19.26 2.95 -6.76
CA SER B 144 19.38 2.56 -5.37
C SER B 144 18.80 3.56 -4.39
N CYS B 145 17.76 4.29 -4.80
CA CYS B 145 17.14 5.25 -3.89
C CYS B 145 16.24 4.52 -2.89
N THR B 146 15.89 5.20 -1.79
CA THR B 146 15.08 4.59 -0.75
C THR B 146 13.58 4.84 -0.97
N MET B 147 12.78 3.87 -0.54
CA MET B 147 11.33 3.94 -0.64
C MET B 147 10.74 4.35 0.71
N PRO B 148 9.53 4.91 0.70
CA PRO B 148 8.77 5.39 -0.47
C PRO B 148 9.50 6.59 -1.10
N PRO B 149 9.38 6.78 -2.42
CA PRO B 149 10.19 7.76 -3.15
C PRO B 149 9.95 9.19 -2.70
N VAL B 150 10.97 10.03 -2.66
CA VAL B 150 10.65 11.44 -2.43
C VAL B 150 10.07 11.99 -3.73
N SER B 151 9.12 12.89 -3.56
CA SER B 151 8.52 13.59 -4.66
C SER B 151 8.33 15.05 -4.26
N PHE B 152 8.57 15.95 -5.20
CA PHE B 152 8.37 17.37 -5.00
C PHE B 152 6.98 17.74 -5.47
N HIS B 153 6.20 18.40 -4.63
CA HIS B 153 4.89 18.88 -5.04
C HIS B 153 4.94 20.39 -5.14
N GLY B 154 4.81 20.89 -6.36
CA GLY B 154 5.04 22.30 -6.66
C GLY B 154 4.05 22.97 -7.60
N SER B 155 4.42 24.15 -8.08
CA SER B 155 3.49 25.07 -8.73
C SER B 155 2.82 24.48 -9.97
N ASP B 156 3.57 23.69 -10.73
CA ASP B 156 3.01 23.12 -11.94
C ASP B 156 2.83 21.62 -11.80
N GLY B 157 2.77 21.12 -10.57
CA GLY B 157 2.49 19.71 -10.36
C GLY B 157 3.56 18.94 -9.62
N CYS B 158 3.62 17.64 -9.89
CA CYS B 158 4.49 16.74 -9.15
C CYS B 158 5.77 16.42 -9.92
N TRP B 159 6.89 16.42 -9.21
CA TRP B 159 8.21 16.16 -9.79
C TRP B 159 8.95 15.08 -9.04
N TYR B 160 9.92 14.44 -9.70
CA TYR B 160 10.77 13.45 -9.04
C TYR B 160 12.19 13.95 -8.88
N PRO B 161 12.93 13.43 -7.90
CA PRO B 161 14.34 13.78 -7.70
C PRO B 161 15.23 13.20 -8.80
N MET B 162 16.50 13.57 -8.79
CA MET B 162 17.41 13.21 -9.87
C MET B 162 17.60 11.70 -10.04
N GLU B 163 17.47 10.97 -8.94
CA GLU B 163 17.71 9.53 -8.94
C GLU B 163 16.62 8.77 -9.70
N ILE B 164 15.41 9.29 -9.67
CA ILE B 164 14.25 8.59 -10.21
C ILE B 164 14.01 8.99 -11.68
N ARG B 165 14.11 8.01 -12.57
CA ARG B 165 14.07 8.20 -14.01
C ARG B 165 12.80 7.65 -14.66
N PRO B 166 12.26 8.38 -15.65
CA PRO B 166 11.07 7.93 -16.39
C PRO B 166 11.41 6.80 -17.38
N MET B 167 10.51 5.84 -17.54
CA MET B 167 10.72 4.70 -18.44
C MET B 167 9.75 4.70 -19.63
N LYS B 168 10.12 3.98 -20.69
CA LYS B 168 9.26 3.78 -21.86
C LYS B 168 8.53 5.03 -22.32
N THR B 169 9.28 6.11 -22.54
CA THR B 169 8.66 7.37 -22.90
C THR B 169 9.52 8.11 -23.90
N SER B 170 8.88 8.73 -24.89
CA SER B 170 9.63 9.53 -25.84
C SER B 170 10.12 10.81 -25.17
N ASP B 171 11.41 11.03 -25.35
CA ASP B 171 12.13 12.14 -24.75
C ASP B 171 11.49 13.52 -24.98
N SER B 172 11.07 13.80 -26.21
CA SER B 172 10.73 15.17 -26.62
C SER B 172 9.59 15.86 -25.86
N HIS B 173 8.71 15.12 -25.21
CA HIS B 173 7.62 15.78 -24.50
C HIS B 173 7.79 15.72 -22.98
N LEU B 174 8.99 15.35 -22.54
CA LEU B 174 9.32 15.34 -21.13
C LEU B 174 9.60 16.76 -20.64
N VAL B 175 9.32 17.02 -19.37
CA VAL B 175 9.56 18.33 -18.78
C VAL B 175 10.68 18.25 -17.74
N ARG B 176 11.78 18.95 -18.00
CA ARG B 176 12.89 18.94 -17.04
C ARG B 176 13.17 20.27 -16.38
N SER B 177 13.76 20.19 -15.20
CA SER B 177 14.18 21.36 -14.44
C SER B 177 15.38 22.06 -15.06
N TRP B 178 15.37 23.38 -15.00
CA TRP B 178 16.46 24.22 -15.51
C TRP B 178 17.46 24.62 -14.44
N VAL B 179 17.32 24.02 -13.25
CA VAL B 179 18.17 24.40 -12.13
C VAL B 179 19.57 23.83 -12.29
N THR B 180 20.56 24.73 -12.19
CA THR B 180 21.97 24.37 -12.15
C THR B 180 22.55 24.95 -10.89
N ALA B 181 22.41 24.22 -9.80
CA ALA B 181 22.76 24.71 -8.47
C ALA B 181 24.20 24.39 -8.11
N SER C 5 -23.88 -18.57 -35.33
CA SER C 5 -22.70 -19.31 -34.95
C SER C 5 -21.53 -19.12 -35.97
N VAL C 6 -21.07 -17.88 -36.18
CA VAL C 6 -19.76 -17.67 -36.78
C VAL C 6 -18.79 -17.99 -35.64
N ASP C 7 -17.84 -18.89 -35.90
CA ASP C 7 -16.88 -19.20 -34.85
C ASP C 7 -15.75 -18.19 -34.91
N CYS C 8 -15.13 -17.93 -33.76
CA CYS C 8 -13.92 -17.09 -33.73
C CYS C 8 -12.83 -17.74 -34.59
N ASP C 9 -11.82 -16.97 -34.94
CA ASP C 9 -10.75 -17.47 -35.79
C ASP C 9 -9.92 -18.56 -35.08
N GLY C 10 -10.16 -19.81 -35.43
CA GLY C 10 -9.49 -20.93 -34.78
C GLY C 10 -7.97 -20.92 -34.88
N ALA C 11 -7.46 -20.27 -35.92
CA ALA C 11 -6.03 -20.25 -36.21
C ALA C 11 -5.19 -19.55 -35.15
N ILE C 12 -5.82 -18.66 -34.38
CA ILE C 12 -5.11 -17.92 -33.37
C ILE C 12 -5.57 -18.25 -31.95
N LEU C 13 -6.32 -19.34 -31.82
CA LEU C 13 -6.84 -19.77 -30.52
C LEU C 13 -6.08 -20.97 -30.01
N GLY C 14 -6.03 -21.10 -28.69
CA GLY C 14 -5.43 -22.26 -28.07
C GLY C 14 -6.07 -22.60 -26.75
N ALA C 15 -5.78 -23.79 -26.24
CA ALA C 15 -6.29 -24.24 -24.96
C ALA C 15 -5.40 -25.35 -24.45
N ALA C 16 -5.32 -25.50 -23.14
CA ALA C 16 -4.47 -26.53 -22.57
C ALA C 16 -4.96 -26.91 -21.18
N VAL C 17 -4.80 -28.18 -20.85
CA VAL C 17 -5.14 -28.68 -19.53
C VAL C 17 -4.02 -29.63 -19.08
N ASN C 18 -3.62 -29.54 -17.82
CA ASN C 18 -2.62 -30.44 -17.24
C ASN C 18 -2.95 -30.61 -15.78
N GLY C 19 -3.23 -31.85 -15.39
CA GLY C 19 -3.63 -32.15 -14.02
C GLY C 19 -4.85 -31.36 -13.58
N LYS C 20 -4.64 -30.43 -12.65
CA LYS C 20 -5.74 -29.64 -12.12
C LYS C 20 -5.75 -28.20 -12.63
N LYS C 21 -5.01 -27.93 -13.71
CA LYS C 21 -4.93 -26.58 -14.26
C LYS C 21 -5.36 -26.54 -15.72
N SER C 22 -5.97 -25.43 -16.15
CA SER C 22 -6.31 -25.27 -17.56
C SER C 22 -6.40 -23.80 -17.98
N ALA C 23 -6.46 -23.60 -19.29
CA ALA C 23 -6.60 -22.27 -19.85
C ALA C 23 -7.15 -22.35 -21.27
N HIS C 24 -8.03 -21.41 -21.59
CA HIS C 24 -8.42 -21.12 -22.97
C HIS C 24 -7.90 -19.72 -23.30
N GLY C 25 -7.22 -19.58 -24.42
CA GLY C 25 -6.56 -18.32 -24.71
C GLY C 25 -6.52 -17.89 -26.17
N SER C 26 -6.32 -16.59 -26.33
CA SER C 26 -6.19 -15.91 -27.61
C SER C 26 -5.48 -14.59 -27.31
N PRO C 27 -4.90 -13.94 -28.34
CA PRO C 27 -4.18 -12.69 -28.05
C PRO C 27 -5.00 -11.64 -27.31
N THR C 28 -6.33 -11.70 -27.39
CA THR C 28 -7.16 -10.71 -26.70
C THR C 28 -7.99 -11.31 -25.56
N PHE C 29 -7.75 -12.59 -25.24
CA PHE C 29 -8.60 -13.26 -24.25
C PHE C 29 -7.83 -14.31 -23.47
N TRP C 30 -8.09 -14.40 -22.17
CA TRP C 30 -7.48 -15.44 -21.35
C TRP C 30 -8.40 -15.88 -20.23
N MET C 31 -8.74 -17.16 -20.24
CA MET C 31 -9.49 -17.75 -19.15
C MET C 31 -8.67 -18.86 -18.53
N GLY C 32 -8.20 -18.66 -17.31
CA GLY C 32 -7.50 -19.69 -16.58
C GLY C 32 -8.42 -20.34 -15.56
N SER C 33 -8.47 -21.67 -15.58
CA SER C 33 -9.33 -22.40 -14.67
C SER C 33 -8.52 -23.43 -13.85
N HIS C 34 -9.13 -23.93 -12.79
CA HIS C 34 -8.50 -24.93 -11.94
C HIS C 34 -9.55 -25.82 -11.30
N GLU C 35 -9.13 -27.03 -10.93
CA GLU C 35 -10.01 -27.97 -10.25
C GLU C 35 -9.78 -27.90 -8.74
N VAL C 36 -10.83 -27.52 -8.02
CA VAL C 36 -10.78 -27.51 -6.57
C VAL C 36 -11.82 -28.48 -6.02
N ASN C 37 -11.35 -29.40 -5.18
CA ASN C 37 -12.22 -30.38 -4.53
C ASN C 37 -13.05 -31.16 -5.55
N GLY C 38 -12.50 -31.32 -6.75
CA GLY C 38 -13.16 -32.06 -7.80
C GLY C 38 -13.98 -31.22 -8.77
N THR C 39 -14.17 -29.94 -8.44
CA THR C 39 -14.97 -29.07 -9.29
C THR C 39 -14.13 -28.02 -10.01
N TRP C 40 -14.26 -27.97 -11.33
CA TRP C 40 -13.53 -27.02 -12.15
C TRP C 40 -14.17 -25.64 -12.11
N MET C 41 -13.35 -24.61 -11.95
CA MET C 41 -13.84 -23.23 -11.93
C MET C 41 -12.80 -22.25 -12.42
N ILE C 42 -13.29 -21.10 -12.89
CA ILE C 42 -12.43 -20.01 -13.32
C ILE C 42 -11.67 -19.40 -12.15
N HIS C 43 -10.35 -19.27 -12.29
CA HIS C 43 -9.58 -18.47 -11.35
C HIS C 43 -9.08 -17.17 -12.02
N THR C 44 -9.10 -17.14 -13.35
CA THR C 44 -8.67 -15.95 -14.05
C THR C 44 -9.50 -15.75 -15.33
N LEU C 45 -9.85 -14.51 -15.60
CA LEU C 45 -10.56 -14.16 -16.83
C LEU C 45 -10.21 -12.73 -17.20
N GLU C 46 -9.48 -12.57 -18.28
CA GLU C 46 -9.04 -11.27 -18.76
C GLU C 46 -9.45 -11.10 -20.21
N THR C 47 -10.17 -10.03 -20.50
CA THR C 47 -10.56 -9.70 -21.88
C THR C 47 -10.08 -8.30 -22.25
N LEU C 48 -9.48 -8.16 -23.42
CA LEU C 48 -9.03 -6.87 -23.92
C LEU C 48 -9.94 -6.43 -25.06
N ASP C 49 -11.01 -7.19 -25.30
CA ASP C 49 -11.81 -7.02 -26.49
C ASP C 49 -13.23 -7.55 -26.28
N TYR C 50 -14.21 -6.89 -26.91
CA TYR C 50 -15.58 -7.40 -26.94
C TYR C 50 -15.97 -7.72 -28.37
N LYS C 51 -16.43 -8.93 -28.62
CA LYS C 51 -16.88 -9.35 -29.95
C LYS C 51 -17.92 -10.44 -29.88
N GLU C 52 -18.83 -10.44 -30.85
CA GLU C 52 -19.88 -11.44 -30.90
C GLU C 52 -19.50 -12.60 -31.82
N CYS C 53 -18.71 -13.52 -31.29
CA CYS C 53 -18.32 -14.72 -32.01
C CYS C 53 -18.25 -15.86 -31.01
N GLU C 54 -18.38 -17.09 -31.49
CA GLU C 54 -18.40 -18.24 -30.59
C GLU C 54 -17.08 -19.00 -30.60
N TRP C 55 -16.65 -19.40 -29.41
CA TRP C 55 -15.45 -20.22 -29.26
C TRP C 55 -15.71 -21.58 -29.90
N PRO C 56 -14.85 -21.97 -30.85
CA PRO C 56 -15.06 -23.22 -31.61
C PRO C 56 -14.89 -24.46 -30.73
N LEU C 57 -15.80 -25.41 -30.87
CA LEU C 57 -15.77 -26.63 -30.08
C LEU C 57 -14.50 -27.42 -30.33
N THR C 58 -13.98 -27.33 -31.54
CA THR C 58 -12.71 -27.96 -31.92
C THR C 58 -11.55 -27.54 -31.02
N HIS C 59 -11.67 -26.37 -30.42
CA HIS C 59 -10.61 -25.83 -29.57
C HIS C 59 -11.08 -25.67 -28.13
N THR C 60 -12.17 -26.37 -27.81
CA THR C 60 -12.77 -26.29 -26.48
C THR C 60 -12.41 -27.52 -25.65
N ILE C 61 -12.05 -27.30 -24.39
CA ILE C 61 -11.74 -28.40 -23.48
C ILE C 61 -12.94 -28.71 -22.59
N GLY C 62 -13.34 -29.98 -22.59
CA GLY C 62 -14.39 -30.46 -21.72
C GLY C 62 -15.78 -29.89 -21.95
N THR C 63 -16.19 -29.76 -23.20
CA THR C 63 -17.50 -29.20 -23.49
C THR C 63 -18.57 -30.13 -22.90
N SER C 64 -19.41 -29.57 -22.04
CA SER C 64 -20.30 -30.39 -21.21
C SER C 64 -21.54 -29.65 -20.74
N VAL C 65 -21.31 -28.60 -19.97
CA VAL C 65 -22.33 -27.95 -19.16
C VAL C 65 -23.58 -27.49 -19.91
N GLU C 66 -24.67 -27.38 -19.16
CA GLU C 66 -25.86 -26.69 -19.64
C GLU C 66 -25.50 -25.21 -19.72
N GLU C 67 -25.85 -24.56 -20.83
CA GLU C 67 -25.39 -23.22 -21.13
C GLU C 67 -25.60 -22.20 -20.00
N SER C 68 -26.64 -22.41 -19.19
CA SER C 68 -26.99 -21.44 -18.16
C SER C 68 -26.00 -21.49 -17.01
N ASP C 69 -25.17 -22.53 -17.01
CA ASP C 69 -24.18 -22.72 -15.95
C ASP C 69 -22.81 -22.19 -16.33
N MET C 70 -22.63 -21.84 -17.60
CA MET C 70 -21.42 -21.13 -18.03
C MET C 70 -21.33 -19.80 -17.30
N PHE C 71 -20.13 -19.25 -17.13
CA PHE C 71 -20.01 -17.91 -16.55
C PHE C 71 -20.00 -16.86 -17.66
N MET C 72 -19.05 -16.99 -18.57
CA MET C 72 -18.98 -16.10 -19.73
C MET C 72 -19.86 -16.64 -20.85
N PRO C 73 -20.86 -15.85 -21.27
CA PRO C 73 -21.84 -16.24 -22.30
C PRO C 73 -21.21 -16.76 -23.58
N ARG C 74 -21.80 -17.80 -24.17
CA ARG C 74 -21.23 -18.42 -25.35
C ARG C 74 -21.20 -17.46 -26.53
N SER C 75 -22.19 -16.57 -26.62
CA SER C 75 -22.34 -15.72 -27.80
C SER C 75 -21.27 -14.64 -27.90
N ILE C 76 -20.47 -14.47 -26.85
CA ILE C 76 -19.39 -13.49 -26.89
C ILE C 76 -18.01 -14.10 -26.69
N GLY C 77 -17.92 -15.42 -26.88
CA GLY C 77 -16.64 -16.08 -26.89
C GLY C 77 -16.37 -17.01 -25.72
N GLY C 78 -17.32 -17.12 -24.80
CA GLY C 78 -17.16 -17.99 -23.65
C GLY C 78 -17.15 -19.45 -24.06
N PRO C 79 -16.04 -20.15 -23.79
CA PRO C 79 -15.95 -21.60 -24.07
C PRO C 79 -17.10 -22.38 -23.46
N VAL C 80 -17.79 -23.18 -24.28
CA VAL C 80 -18.91 -23.97 -23.82
C VAL C 80 -18.33 -25.15 -23.06
N SER C 81 -17.86 -24.88 -21.84
CA SER C 81 -16.99 -25.81 -21.13
C SER C 81 -17.26 -25.83 -19.63
N SER C 82 -17.04 -27.01 -19.03
CA SER C 82 -17.07 -27.16 -17.58
C SER C 82 -16.07 -26.23 -16.92
N HIS C 83 -15.01 -25.88 -17.65
CA HIS C 83 -13.98 -25.00 -17.15
C HIS C 83 -14.42 -23.53 -17.12
N ASN C 84 -15.47 -23.20 -17.85
CA ASN C 84 -16.01 -21.84 -17.91
C ASN C 84 -17.17 -21.72 -16.93
N ARG C 85 -16.81 -21.74 -15.65
CA ARG C 85 -17.82 -21.76 -14.59
C ARG C 85 -17.28 -21.15 -13.32
N ILE C 86 -18.19 -20.61 -12.51
CA ILE C 86 -17.87 -20.17 -11.15
C ILE C 86 -19.06 -20.51 -10.27
N PRO C 87 -18.88 -21.47 -9.33
CA PRO C 87 -19.99 -21.95 -8.51
C PRO C 87 -20.68 -20.83 -7.73
N GLY C 88 -22.00 -20.79 -7.81
CA GLY C 88 -22.77 -19.77 -7.13
C GLY C 88 -23.13 -18.64 -8.08
N TYR C 89 -22.63 -18.73 -9.31
CA TYR C 89 -22.93 -17.74 -10.35
C TYR C 89 -23.29 -18.45 -11.64
N LYS C 90 -24.24 -17.88 -12.37
CA LYS C 90 -24.65 -18.45 -13.64
C LYS C 90 -24.34 -17.48 -14.78
N VAL C 91 -24.77 -17.82 -15.99
CA VAL C 91 -24.34 -17.09 -17.19
C VAL C 91 -24.57 -15.59 -17.08
N GLN C 92 -23.51 -14.83 -17.29
CA GLN C 92 -23.54 -13.38 -17.16
C GLN C 92 -24.05 -12.73 -18.43
N THR C 93 -25.31 -13.03 -18.76
CA THR C 93 -25.99 -12.47 -19.90
C THR C 93 -25.94 -10.94 -19.93
N ASN C 94 -26.11 -10.34 -18.76
CA ASN C 94 -26.09 -8.88 -18.63
C ASN C 94 -24.87 -8.39 -17.85
N GLY C 95 -23.76 -9.09 -18.01
CA GLY C 95 -22.51 -8.68 -17.39
C GLY C 95 -21.93 -7.43 -18.03
N PRO C 96 -20.90 -6.85 -17.39
CA PRO C 96 -20.26 -5.63 -17.86
C PRO C 96 -19.18 -5.91 -18.90
N TRP C 97 -19.52 -6.70 -19.91
CA TRP C 97 -18.55 -7.26 -20.83
C TRP C 97 -18.01 -6.26 -21.86
N MET C 98 -18.56 -5.05 -21.90
CA MET C 98 -18.10 -4.05 -22.85
C MET C 98 -17.11 -3.10 -22.20
N GLN C 99 -16.91 -3.27 -20.90
CA GLN C 99 -16.02 -2.41 -20.14
C GLN C 99 -14.57 -2.86 -20.24
N VAL C 100 -14.13 -3.18 -21.45
CA VAL C 100 -12.77 -3.68 -21.67
C VAL C 100 -11.73 -2.55 -21.69
N PRO C 101 -10.51 -2.84 -21.22
CA PRO C 101 -9.99 -4.13 -20.73
C PRO C 101 -10.57 -4.55 -19.39
N LEU C 102 -10.94 -5.83 -19.29
CA LEU C 102 -11.60 -6.40 -18.12
C LEU C 102 -10.78 -7.51 -17.45
N GLU C 103 -10.89 -7.63 -16.14
CA GLU C 103 -10.40 -8.84 -15.48
C GLU C 103 -11.25 -9.16 -14.25
N VAL C 104 -11.58 -10.44 -14.11
CA VAL C 104 -12.42 -10.91 -13.02
C VAL C 104 -11.57 -11.27 -11.82
N LYS C 105 -12.02 -10.85 -10.63
CA LYS C 105 -11.33 -11.19 -9.39
C LYS C 105 -12.29 -11.73 -8.35
N ARG C 106 -11.74 -12.47 -7.39
CA ARG C 106 -12.51 -12.89 -6.24
C ARG C 106 -12.23 -11.94 -5.08
N GLU C 107 -12.78 -10.74 -5.17
CA GLU C 107 -12.56 -9.73 -4.16
C GLU C 107 -13.66 -8.69 -4.16
N VAL C 108 -13.92 -8.14 -2.98
CA VAL C 108 -14.95 -7.13 -2.82
C VAL C 108 -14.55 -5.84 -3.52
N CYS C 109 -15.48 -5.23 -4.23
CA CYS C 109 -15.26 -3.92 -4.81
C CYS C 109 -14.87 -2.94 -3.71
N PRO C 110 -13.87 -2.08 -3.99
CA PRO C 110 -13.35 -1.13 -3.00
C PRO C 110 -14.43 -0.29 -2.34
N GLY C 111 -14.53 -0.39 -1.02
CA GLY C 111 -15.45 0.43 -0.25
C GLY C 111 -16.82 -0.19 -0.06
N THR C 112 -16.98 -1.42 -0.55
CA THR C 112 -18.29 -2.08 -0.53
C THR C 112 -18.26 -3.32 0.35
N SER C 113 -19.41 -3.98 0.48
CA SER C 113 -19.52 -5.22 1.24
C SER C 113 -20.69 -6.04 0.71
N VAL C 114 -20.62 -7.36 0.79
CA VAL C 114 -21.66 -8.21 0.21
C VAL C 114 -22.14 -9.28 1.17
N VAL C 115 -23.46 -9.37 1.35
CA VAL C 115 -24.01 -10.42 2.22
C VAL C 115 -24.92 -11.37 1.42
N VAL C 116 -24.94 -12.63 1.83
CA VAL C 116 -25.75 -13.64 1.17
C VAL C 116 -27.08 -13.81 1.93
N ASP C 117 -28.18 -13.71 1.19
CA ASP C 117 -29.51 -13.72 1.78
C ASP C 117 -30.53 -13.93 0.68
N SER C 118 -31.34 -14.99 0.79
CA SER C 118 -32.24 -15.36 -0.28
C SER C 118 -33.44 -14.42 -0.40
N ASN C 119 -33.56 -13.48 0.55
CA ASN C 119 -34.57 -12.44 0.47
C ASN C 119 -34.13 -11.30 -0.44
N CYS C 120 -32.84 -11.26 -0.74
CA CYS C 120 -32.30 -10.29 -1.69
C CYS C 120 -32.97 -10.40 -3.05
N ASP C 121 -32.83 -9.34 -3.86
CA ASP C 121 -33.37 -9.34 -5.22
C ASP C 121 -32.69 -10.40 -6.06
N GLY C 122 -33.42 -10.91 -7.05
CA GLY C 122 -32.86 -11.86 -7.99
C GLY C 122 -31.83 -11.25 -8.91
N ARG C 123 -31.38 -12.05 -9.89
CA ARG C 123 -30.40 -11.61 -10.87
C ARG C 123 -30.88 -10.38 -11.59
N GLY C 124 -29.97 -9.43 -11.80
CA GLY C 124 -30.30 -8.21 -12.51
C GLY C 124 -29.15 -7.80 -13.42
N LYS C 125 -29.24 -6.62 -14.01
CA LYS C 125 -28.16 -6.11 -14.83
C LYS C 125 -26.94 -5.83 -13.97
N SER C 126 -25.75 -6.14 -14.48
CA SER C 126 -24.52 -5.85 -13.76
C SER C 126 -24.45 -4.37 -13.45
N THR C 127 -24.05 -4.06 -12.22
CA THR C 127 -24.08 -2.69 -11.70
C THR C 127 -22.71 -2.26 -11.18
N ARG C 128 -22.32 -1.03 -11.49
CA ARG C 128 -21.04 -0.50 -11.01
C ARG C 128 -21.08 -0.26 -9.51
N SER C 129 -19.90 -0.31 -8.89
CA SER C 129 -19.78 -0.06 -7.45
C SER C 129 -19.93 1.42 -7.15
N THR C 130 -19.83 2.24 -8.20
CA THR C 130 -19.94 3.68 -8.06
C THR C 130 -21.08 4.20 -8.92
N THR C 131 -21.55 5.40 -8.58
CA THR C 131 -22.65 6.00 -9.31
C THR C 131 -22.14 6.90 -10.43
N ASP C 132 -23.07 7.47 -11.20
CA ASP C 132 -22.75 8.44 -12.26
C ASP C 132 -22.04 9.66 -11.69
N SER C 133 -22.14 9.82 -10.38
CA SER C 133 -21.49 10.90 -9.67
C SER C 133 -20.25 10.38 -8.92
N GLY C 134 -19.97 9.08 -9.04
CA GLY C 134 -18.75 8.50 -8.49
C GLY C 134 -18.79 8.18 -7.02
N LYS C 135 -19.98 8.19 -6.45
CA LYS C 135 -20.13 7.84 -5.03
C LYS C 135 -20.17 6.31 -4.89
N ILE C 136 -19.61 5.81 -3.80
CA ILE C 136 -19.50 4.37 -3.55
C ILE C 136 -20.72 3.77 -2.84
N ILE C 137 -21.28 2.73 -3.43
CA ILE C 137 -22.38 1.99 -2.80
C ILE C 137 -21.83 0.99 -1.78
N PRO C 138 -22.09 1.25 -0.48
CA PRO C 138 -21.42 0.48 0.58
C PRO C 138 -21.96 -0.94 0.80
N GLU C 139 -23.23 -1.17 0.50
CA GLU C 139 -23.84 -2.45 0.86
C GLU C 139 -24.57 -3.15 -0.28
N TRP C 140 -24.23 -4.42 -0.45
CA TRP C 140 -24.73 -5.26 -1.52
C TRP C 140 -25.19 -6.61 -0.97
N CYS C 141 -26.13 -7.26 -1.65
CA CYS C 141 -26.56 -8.59 -1.26
C CYS C 141 -26.68 -9.52 -2.47
N CYS C 142 -26.73 -10.82 -2.21
CA CYS C 142 -27.07 -11.76 -3.27
C CYS C 142 -27.82 -12.93 -2.65
N ARG C 143 -28.69 -13.56 -3.43
CA ARG C 143 -29.50 -14.65 -2.94
C ARG C 143 -28.67 -15.89 -2.59
N SER C 144 -27.79 -16.31 -3.49
CA SER C 144 -27.10 -17.57 -3.30
C SER C 144 -25.72 -17.65 -3.96
N CYS C 145 -25.05 -16.53 -4.14
CA CYS C 145 -23.72 -16.59 -4.74
C CYS C 145 -22.70 -17.01 -3.70
N THR C 146 -21.44 -17.15 -4.11
CA THR C 146 -20.40 -17.65 -3.23
C THR C 146 -19.35 -16.59 -2.89
N MET C 147 -18.79 -16.71 -1.70
CA MET C 147 -17.82 -15.75 -1.19
C MET C 147 -16.39 -16.29 -1.31
N PRO C 148 -15.39 -15.38 -1.41
CA PRO C 148 -15.56 -13.95 -1.62
C PRO C 148 -16.18 -13.69 -2.99
N PRO C 149 -16.90 -12.58 -3.15
CA PRO C 149 -17.68 -12.35 -4.36
C PRO C 149 -16.80 -12.16 -5.59
N VAL C 150 -17.32 -12.46 -6.77
CA VAL C 150 -16.60 -12.12 -7.98
C VAL C 150 -16.86 -10.65 -8.30
N SER C 151 -15.90 -10.02 -8.94
CA SER C 151 -16.04 -8.64 -9.33
C SER C 151 -15.26 -8.39 -10.61
N PHE C 152 -15.85 -7.60 -11.49
CA PHE C 152 -15.24 -7.22 -12.74
C PHE C 152 -14.45 -5.93 -12.54
N HIS C 153 -13.23 -5.91 -13.05
CA HIS C 153 -12.39 -4.72 -12.98
C HIS C 153 -12.06 -4.30 -14.39
N GLY C 154 -12.71 -3.22 -14.82
CA GLY C 154 -12.60 -2.77 -16.21
C GLY C 154 -12.39 -1.28 -16.37
N SER C 155 -12.54 -0.83 -17.62
CA SER C 155 -12.19 0.52 -18.05
C SER C 155 -12.68 1.63 -17.13
N ASP C 156 -13.96 1.61 -16.77
CA ASP C 156 -14.50 2.67 -15.93
C ASP C 156 -14.77 2.20 -14.51
N GLY C 157 -13.93 1.29 -14.02
CA GLY C 157 -13.97 0.93 -12.61
C GLY C 157 -14.38 -0.49 -12.27
N CYS C 158 -15.01 -0.65 -11.11
CA CYS C 158 -15.37 -1.95 -10.57
C CYS C 158 -16.88 -2.23 -10.68
N TRP C 159 -17.19 -3.44 -11.11
CA TRP C 159 -18.58 -3.86 -11.34
C TRP C 159 -18.86 -5.20 -10.65
N TYR C 160 -20.13 -5.45 -10.36
CA TYR C 160 -20.52 -6.73 -9.78
C TYR C 160 -21.27 -7.58 -10.80
N PRO C 161 -21.29 -8.92 -10.62
CA PRO C 161 -22.03 -9.77 -11.53
C PRO C 161 -23.53 -9.58 -11.35
N MET C 162 -24.33 -10.26 -12.17
CA MET C 162 -25.79 -10.16 -12.14
C MET C 162 -26.39 -10.49 -10.77
N GLU C 163 -25.81 -11.49 -10.10
CA GLU C 163 -26.33 -11.97 -8.82
C GLU C 163 -26.27 -10.91 -7.72
N ILE C 164 -25.26 -10.05 -7.78
CA ILE C 164 -24.96 -9.15 -6.68
C ILE C 164 -25.61 -7.77 -6.86
N ARG C 165 -26.55 -7.48 -5.97
CA ARG C 165 -27.45 -6.33 -6.07
C ARG C 165 -27.14 -5.27 -5.03
N PRO C 166 -27.28 -3.99 -5.41
CA PRO C 166 -27.02 -2.90 -4.47
C PRO C 166 -28.17 -2.66 -3.49
N MET C 167 -27.83 -2.44 -2.22
CA MET C 167 -28.85 -2.16 -1.20
C MET C 167 -28.88 -0.69 -0.80
N LYS C 168 -29.98 -0.28 -0.17
CA LYS C 168 -30.10 1.04 0.44
C LYS C 168 -29.71 2.19 -0.49
N THR C 169 -30.03 2.05 -1.78
CA THR C 169 -29.61 3.04 -2.76
C THR C 169 -30.72 3.31 -3.79
N SER C 170 -30.94 4.59 -4.07
CA SER C 170 -31.91 4.98 -5.08
C SER C 170 -31.50 4.45 -6.44
N ASP C 171 -32.48 3.99 -7.22
CA ASP C 171 -32.23 3.42 -8.53
C ASP C 171 -31.60 4.42 -9.49
N SER C 172 -32.06 5.66 -9.45
CA SER C 172 -31.63 6.65 -10.43
C SER C 172 -30.14 7.01 -10.34
N HIS C 173 -29.49 6.59 -9.27
CA HIS C 173 -28.06 6.81 -9.11
C HIS C 173 -27.24 5.56 -9.42
N LEU C 174 -27.77 4.66 -10.25
CA LEU C 174 -27.06 3.41 -10.49
C LEU C 174 -26.63 3.31 -11.94
N VAL C 175 -25.42 2.81 -12.16
CA VAL C 175 -24.92 2.59 -13.52
C VAL C 175 -24.98 1.10 -13.89
N ARG C 176 -25.65 0.80 -15.00
CA ARG C 176 -25.90 -0.58 -15.43
C ARG C 176 -25.17 -0.93 -16.72
N SER C 177 -25.01 -2.23 -16.97
CA SER C 177 -24.50 -2.73 -18.24
C SER C 177 -25.65 -3.10 -19.16
N TRP C 178 -25.47 -2.90 -20.46
CA TRP C 178 -26.56 -3.10 -21.40
C TRP C 178 -26.32 -4.25 -22.36
N VAL C 179 -25.29 -5.04 -22.06
CA VAL C 179 -24.98 -6.23 -22.83
C VAL C 179 -26.13 -7.22 -22.77
N THR C 180 -26.46 -7.82 -23.91
CA THR C 180 -27.42 -8.90 -23.97
C THR C 180 -26.84 -10.04 -24.79
N ALA C 181 -26.09 -10.92 -24.12
CA ALA C 181 -25.35 -11.97 -24.81
C ALA C 181 -26.06 -13.31 -24.76
N SER D 5 -2.82 17.83 40.28
CA SER D 5 -2.30 18.40 41.53
C SER D 5 -0.81 18.67 41.44
N VAL D 6 -0.14 18.03 40.48
CA VAL D 6 1.31 18.16 40.33
C VAL D 6 1.72 18.55 38.91
N ASP D 7 2.52 19.60 38.80
CA ASP D 7 3.06 20.01 37.51
C ASP D 7 4.22 19.13 37.08
N CYS D 8 4.41 18.99 35.77
CA CYS D 8 5.55 18.26 35.23
C CYS D 8 6.86 19.01 35.45
N ASP D 9 7.96 18.28 35.40
CA ASP D 9 9.29 18.81 35.70
C ASP D 9 9.77 19.85 34.68
N GLY D 10 9.63 21.13 35.02
CA GLY D 10 9.97 22.20 34.11
C GLY D 10 11.40 22.28 33.63
N ALA D 11 12.31 21.64 34.36
CA ALA D 11 13.74 21.71 34.03
C ALA D 11 14.09 21.01 32.72
N ILE D 12 13.25 20.07 32.29
CA ILE D 12 13.52 19.31 31.08
C ILE D 12 12.48 19.55 29.99
N LEU D 13 11.61 20.54 30.19
CA LEU D 13 10.59 20.87 29.20
C LEU D 13 11.01 22.05 28.35
N GLY D 14 10.37 22.19 27.19
CA GLY D 14 10.67 23.29 26.30
C GLY D 14 9.53 23.56 25.36
N ALA D 15 9.55 24.74 24.76
CA ALA D 15 8.52 25.13 23.82
C ALA D 15 9.02 26.27 22.95
N ALA D 16 8.54 26.35 21.71
CA ALA D 16 9.00 27.38 20.79
C ALA D 16 7.98 27.68 19.70
N VAL D 17 7.93 28.95 19.30
CA VAL D 17 7.18 29.41 18.14
C VAL D 17 8.07 30.23 17.26
N ASN D 18 7.90 30.07 15.96
CA ASN D 18 8.51 30.94 14.98
C ASN D 18 7.55 31.06 13.80
N GLY D 19 7.05 32.26 13.60
CA GLY D 19 6.09 32.52 12.53
C GLY D 19 4.85 31.64 12.66
N LYS D 20 4.72 30.68 11.74
CA LYS D 20 3.55 29.83 11.70
C LYS D 20 3.86 28.40 12.15
N LYS D 21 5.01 28.20 12.80
CA LYS D 21 5.36 26.87 13.31
C LYS D 21 5.58 26.90 14.82
N SER D 22 5.22 25.81 15.49
CA SER D 22 5.47 25.71 16.92
C SER D 22 5.70 24.28 17.38
N ALA D 23 6.19 24.13 18.61
CA ALA D 23 6.41 22.82 19.21
C ALA D 23 6.52 22.91 20.73
N HIS D 24 5.96 21.92 21.42
CA HIS D 24 6.17 21.71 22.85
C HIS D 24 6.87 20.37 23.01
N GLY D 25 7.93 20.31 23.81
CA GLY D 25 8.69 19.08 23.88
C GLY D 25 9.38 18.77 25.21
N SER D 26 9.54 17.47 25.44
CA SER D 26 10.30 16.94 26.57
C SER D 26 10.95 15.65 26.06
N PRO D 27 11.96 15.13 26.79
CA PRO D 27 12.60 13.89 26.33
C PRO D 27 11.64 12.72 26.07
N THR D 28 10.41 12.81 26.58
CA THR D 28 9.43 11.75 26.39
C THR D 28 8.17 12.20 25.65
N PHE D 29 8.22 13.41 25.08
CA PHE D 29 7.01 13.97 24.47
C PHE D 29 7.33 14.99 23.37
N TRP D 30 6.55 14.97 22.30
CA TRP D 30 6.73 15.96 21.24
C TRP D 30 5.41 16.33 20.56
N MET D 31 5.00 17.58 20.72
CA MET D 31 3.86 18.09 19.98
C MET D 31 4.29 19.19 19.01
N GLY D 32 4.15 18.94 17.72
CA GLY D 32 4.45 19.93 16.72
C GLY D 32 3.17 20.47 16.12
N SER D 33 3.05 21.80 16.10
CA SER D 33 1.86 22.46 15.57
C SER D 33 2.20 23.51 14.53
N HIS D 34 1.18 24.00 13.85
CA HIS D 34 1.36 25.05 12.85
C HIS D 34 0.03 25.73 12.58
N GLU D 35 0.09 26.90 11.96
CA GLU D 35 -1.10 27.70 11.68
C GLU D 35 -1.59 27.51 10.25
N VAL D 36 -2.76 26.89 10.11
CA VAL D 36 -3.39 26.73 8.81
C VAL D 36 -4.69 27.52 8.79
N ASN D 37 -4.84 28.37 7.78
CA ASN D 37 -6.01 29.22 7.64
C ASN D 37 -6.32 30.00 8.92
N GLY D 38 -5.29 30.66 9.45
CA GLY D 38 -5.42 31.47 10.64
C GLY D 38 -5.71 30.69 11.92
N THR D 39 -5.68 29.37 11.82
CA THR D 39 -5.96 28.50 12.96
C THR D 39 -4.76 27.62 13.30
N TRP D 40 -4.43 27.53 14.57
CA TRP D 40 -3.34 26.66 15.01
C TRP D 40 -3.84 25.24 15.22
N MET D 41 -3.05 24.26 14.81
CA MET D 41 -3.42 22.86 14.99
C MET D 41 -2.19 21.96 15.06
N ILE D 42 -2.36 20.82 15.72
CA ILE D 42 -1.32 19.81 15.80
C ILE D 42 -1.07 19.15 14.45
N HIS D 43 0.19 19.01 14.07
CA HIS D 43 0.52 18.20 12.90
C HIS D 43 1.31 16.98 13.33
N THR D 44 1.89 17.03 14.53
CA THR D 44 2.68 15.91 15.02
C THR D 44 2.47 15.72 16.52
N LEU D 45 2.29 14.48 16.95
CA LEU D 45 2.13 14.20 18.38
C LEU D 45 2.72 12.83 18.70
N GLU D 46 3.79 12.84 19.48
CA GLU D 46 4.48 11.61 19.85
C GLU D 46 4.67 11.54 21.36
N THR D 47 4.27 10.43 21.97
CA THR D 47 4.53 10.21 23.39
C THR D 47 5.28 8.91 23.57
N LEU D 48 6.30 8.94 24.43
CA LEU D 48 7.05 7.73 24.74
C LEU D 48 6.67 7.29 26.14
N ASP D 49 5.75 8.03 26.73
CA ASP D 49 5.46 7.93 28.16
C ASP D 49 4.02 8.28 28.49
N TYR D 50 3.45 7.59 29.47
CA TYR D 50 2.17 7.99 30.04
C TYR D 50 2.38 8.39 31.50
N LYS D 51 1.96 9.60 31.84
CA LYS D 51 2.11 10.09 33.21
C LYS D 51 1.01 11.08 33.54
N GLU D 52 0.58 11.10 34.79
CA GLU D 52 -0.43 12.05 35.23
C GLU D 52 0.22 13.26 35.89
N CYS D 53 0.52 14.25 35.06
CA CYS D 53 1.10 15.50 35.51
C CYS D 53 0.58 16.61 34.59
N GLU D 54 0.75 17.85 35.00
CA GLU D 54 0.26 18.95 34.17
C GLU D 54 1.38 19.81 33.62
N TRP D 55 1.29 20.13 32.34
CA TRP D 55 2.24 21.01 31.69
C TRP D 55 2.20 22.39 32.37
N PRO D 56 3.32 22.79 32.97
CA PRO D 56 3.41 24.09 33.68
C PRO D 56 3.10 25.27 32.76
N LEU D 57 2.21 26.14 33.21
CA LEU D 57 1.80 27.28 32.42
C LEU D 57 2.98 28.15 32.03
N THR D 58 4.00 28.19 32.89
CA THR D 58 5.23 28.93 32.62
C THR D 58 5.92 28.51 31.33
N HIS D 59 5.68 27.26 30.90
CA HIS D 59 6.34 26.70 29.73
C HIS D 59 5.35 26.43 28.60
N THR D 60 4.21 27.12 28.66
CA THR D 60 3.12 26.92 27.72
C THR D 60 3.00 28.11 26.76
N ILE D 61 2.87 27.82 25.48
CA ILE D 61 2.69 28.89 24.50
C ILE D 61 1.23 29.10 24.13
N GLY D 62 0.76 30.33 24.29
CA GLY D 62 -0.60 30.65 23.91
C GLY D 62 -1.63 29.98 24.79
N THR D 63 -1.42 30.09 26.10
CA THR D 63 -2.43 29.66 27.07
C THR D 63 -3.73 30.38 26.75
N SER D 64 -4.77 29.63 26.39
CA SER D 64 -5.98 30.25 25.86
C SER D 64 -7.23 29.38 26.00
N VAL D 65 -7.21 28.26 25.31
CA VAL D 65 -8.42 27.50 25.00
C VAL D 65 -9.37 27.13 26.14
N GLU D 66 -10.65 27.02 25.80
CA GLU D 66 -11.59 26.23 26.59
C GLU D 66 -11.05 24.81 26.53
N GLU D 67 -11.20 24.05 27.60
CA GLU D 67 -10.38 22.86 27.75
C GLU D 67 -10.94 21.65 27.06
N SER D 68 -12.25 21.63 26.90
CA SER D 68 -12.89 20.59 26.12
C SER D 68 -12.34 20.69 24.68
N ASP D 69 -11.83 21.87 24.35
CA ASP D 69 -11.26 22.17 23.01
C ASP D 69 -9.85 21.63 22.75
N MET D 70 -9.10 21.28 23.79
CA MET D 70 -7.76 20.72 23.60
C MET D 70 -7.87 19.37 22.91
N PHE D 71 -6.73 18.83 22.49
CA PHE D 71 -6.74 17.46 21.98
C PHE D 71 -6.19 16.52 23.05
N MET D 72 -4.95 16.75 23.46
CA MET D 72 -4.38 15.97 24.55
C MET D 72 -4.83 16.56 25.89
N PRO D 73 -5.52 15.74 26.70
CA PRO D 73 -6.09 16.19 27.98
C PRO D 73 -5.05 16.83 28.89
N ARG D 74 -5.47 17.79 29.70
CA ARG D 74 -4.55 18.48 30.61
C ARG D 74 -3.89 17.54 31.62
N SER D 75 -4.68 16.62 32.17
CA SER D 75 -4.24 15.83 33.33
C SER D 75 -3.13 14.82 33.01
N ILE D 76 -2.78 14.68 31.74
CA ILE D 76 -1.68 13.76 31.38
C ILE D 76 -0.57 14.45 30.60
N GLY D 77 -0.54 15.79 30.65
CA GLY D 77 0.58 16.53 30.13
C GLY D 77 0.30 17.39 28.91
N GLY D 78 -0.97 17.43 28.50
CA GLY D 78 -1.36 18.23 27.36
C GLY D 78 -1.27 19.72 27.64
N PRO D 79 -0.47 20.45 26.85
CA PRO D 79 -0.33 21.90 27.01
C PRO D 79 -1.67 22.63 26.86
N VAL D 80 -2.05 23.39 27.89
CA VAL D 80 -3.27 24.18 27.83
C VAL D 80 -3.08 25.33 26.87
N SER D 81 -3.26 25.03 25.59
CA SER D 81 -2.91 25.97 24.54
C SER D 81 -3.76 25.80 23.29
N SER D 82 -3.84 26.86 22.49
CA SER D 82 -4.53 26.80 21.20
C SER D 82 -3.73 25.98 20.21
N HIS D 83 -2.46 25.76 20.52
CA HIS D 83 -1.58 24.97 19.68
C HIS D 83 -1.86 23.47 19.86
N ASN D 84 -2.48 23.13 20.97
CA ASN D 84 -2.87 21.75 21.29
C ASN D 84 -4.31 21.52 20.90
N ARG D 85 -4.52 21.23 19.62
CA ARG D 85 -5.86 21.27 19.03
C ARG D 85 -5.84 20.63 17.66
N ILE D 86 -6.87 19.82 17.38
CA ILE D 86 -7.09 19.28 16.04
C ILE D 86 -8.55 19.50 15.69
N PRO D 87 -8.81 20.33 14.66
CA PRO D 87 -10.17 20.70 14.24
C PRO D 87 -11.02 19.49 13.87
N GLY D 88 -12.23 19.45 14.40
CA GLY D 88 -13.15 18.35 14.15
C GLY D 88 -13.14 17.35 15.29
N TYR D 89 -12.18 17.52 16.19
CA TYR D 89 -12.00 16.62 17.31
C TYR D 89 -11.85 17.42 18.60
N LYS D 90 -12.36 16.87 19.69
CA LYS D 90 -12.28 17.53 20.98
C LYS D 90 -11.42 16.72 21.93
N VAL D 91 -11.41 17.10 23.20
CA VAL D 91 -10.47 16.53 24.17
C VAL D 91 -10.61 15.01 24.29
N GLN D 92 -9.49 14.32 24.20
CA GLN D 92 -9.47 12.87 24.20
C GLN D 92 -9.42 12.32 25.62
N THR D 93 -10.49 12.56 26.35
CA THR D 93 -10.63 12.12 27.74
C THR D 93 -10.39 10.62 27.89
N ASN D 94 -10.84 9.86 26.91
CA ASN D 94 -10.68 8.42 26.93
C ASN D 94 -9.89 7.94 25.72
N GLY D 95 -8.82 8.67 25.38
CA GLY D 95 -7.96 8.29 24.29
C GLY D 95 -7.10 7.09 24.67
N PRO D 96 -6.40 6.50 23.68
CA PRO D 96 -5.53 5.35 23.94
C PRO D 96 -4.14 5.77 24.42
N TRP D 97 -4.10 6.68 25.40
CA TRP D 97 -2.86 7.31 25.80
C TRP D 97 -1.90 6.40 26.57
N MET D 98 -2.35 5.20 26.93
CA MET D 98 -1.49 4.26 27.65
C MET D 98 -0.73 3.34 26.72
N GLN D 99 -1.02 3.43 25.43
CA GLN D 99 -0.44 2.52 24.44
C GLN D 99 0.90 3.04 23.92
N VAL D 100 1.78 3.44 24.84
CA VAL D 100 3.04 4.08 24.47
C VAL D 100 4.11 3.05 24.11
N PRO D 101 5.01 3.40 23.17
CA PRO D 101 5.10 4.68 22.47
C PRO D 101 4.02 4.90 21.40
N LEU D 102 3.52 6.12 21.34
CA LEU D 102 2.42 6.53 20.48
C LEU D 102 2.83 7.60 19.48
N GLU D 103 2.20 7.59 18.31
CA GLU D 103 2.27 8.76 17.43
C GLU D 103 0.94 8.97 16.72
N VAL D 104 0.54 10.23 16.56
CA VAL D 104 -0.74 10.54 15.94
C VAL D 104 -0.58 10.82 14.45
N LYS D 105 -1.41 10.18 13.62
CA LYS D 105 -1.37 10.42 12.18
C LYS D 105 -2.74 10.84 11.64
N ARG D 106 -2.72 11.41 10.44
CA ARG D 106 -3.95 11.76 9.72
C ARG D 106 -4.12 10.74 8.61
N GLU D 107 -4.73 9.62 8.96
CA GLU D 107 -4.52 8.40 8.21
C GLU D 107 -5.46 7.31 8.69
N VAL D 108 -6.12 6.64 7.76
CA VAL D 108 -7.02 5.55 8.12
C VAL D 108 -6.22 4.38 8.70
N CYS D 109 -6.72 3.78 9.77
CA CYS D 109 -6.13 2.53 10.28
C CYS D 109 -6.11 1.50 9.16
N PRO D 110 -4.98 0.77 9.02
CA PRO D 110 -4.82 -0.23 7.96
C PRO D 110 -5.97 -1.23 7.93
N GLY D 111 -6.59 -1.40 6.77
CA GLY D 111 -7.66 -2.38 6.62
C GLY D 111 -9.01 -1.86 7.08
N THR D 112 -9.08 -0.58 7.43
CA THR D 112 -10.34 0.00 7.88
C THR D 112 -10.78 1.14 6.97
N SER D 113 -11.93 1.72 7.28
CA SER D 113 -12.45 2.88 6.57
C SER D 113 -13.24 3.74 7.55
N VAL D 114 -13.27 5.05 7.31
CA VAL D 114 -14.02 5.94 8.19
C VAL D 114 -14.96 6.81 7.36
N VAL D 115 -16.23 6.85 7.75
CA VAL D 115 -17.17 7.71 7.04
C VAL D 115 -17.85 8.71 7.98
N VAL D 116 -18.27 9.85 7.43
CA VAL D 116 -18.93 10.89 8.21
C VAL D 116 -20.44 10.81 8.05
N ASP D 117 -21.14 10.63 9.17
CA ASP D 117 -22.59 10.53 9.11
C ASP D 117 -23.23 10.93 10.42
N SER D 118 -24.18 11.87 10.36
CA SER D 118 -24.79 12.44 11.55
C SER D 118 -25.45 11.39 12.44
N ASN D 119 -25.84 10.27 11.83
CA ASN D 119 -26.61 9.21 12.49
C ASN D 119 -25.74 8.21 13.24
N CYS D 120 -24.43 8.37 13.13
CA CYS D 120 -23.49 7.52 13.85
C CYS D 120 -23.52 7.82 15.34
N ASP D 121 -22.98 6.92 16.15
CA ASP D 121 -22.92 7.17 17.59
C ASP D 121 -21.97 8.31 17.90
N GLY D 122 -22.07 8.83 19.12
CA GLY D 122 -21.26 9.96 19.54
C GLY D 122 -19.89 9.53 20.03
N ARG D 123 -19.25 10.42 20.77
CA ARG D 123 -17.95 10.12 21.38
C ARG D 123 -18.08 9.01 22.42
N GLY D 124 -17.14 8.08 22.41
CA GLY D 124 -17.08 7.03 23.41
C GLY D 124 -15.62 6.73 23.69
N LYS D 125 -15.36 5.66 24.43
CA LYS D 125 -13.97 5.25 24.69
C LYS D 125 -13.25 4.96 23.37
N SER D 126 -11.96 5.27 23.33
CA SER D 126 -11.16 4.98 22.14
C SER D 126 -11.01 3.47 21.96
N THR D 127 -11.24 3.00 20.75
CA THR D 127 -11.29 1.57 20.46
C THR D 127 -10.23 1.18 19.44
N ARG D 128 -9.62 0.01 19.66
CA ARG D 128 -8.58 -0.49 18.77
C ARG D 128 -9.18 -0.91 17.42
N SER D 129 -8.36 -0.90 16.38
CA SER D 129 -8.84 -1.21 15.04
C SER D 129 -9.03 -2.71 14.86
N THR D 130 -8.43 -3.48 15.77
CA THR D 130 -8.52 -4.94 15.74
C THR D 130 -9.30 -5.46 16.94
N THR D 131 -9.96 -6.61 16.78
CA THR D 131 -10.69 -7.23 17.88
C THR D 131 -9.71 -7.90 18.83
N ASP D 132 -10.24 -8.46 19.91
CA ASP D 132 -9.43 -9.21 20.86
C ASP D 132 -8.82 -10.47 20.24
N SER D 133 -9.32 -10.84 19.06
CA SER D 133 -8.84 -12.01 18.34
C SER D 133 -7.89 -11.62 17.19
N GLY D 134 -7.49 -10.36 17.16
CA GLY D 134 -6.59 -9.89 16.12
C GLY D 134 -7.29 -9.62 14.80
N LYS D 135 -8.60 -9.73 14.79
CA LYS D 135 -9.37 -9.49 13.57
C LYS D 135 -9.67 -8.01 13.37
N ILE D 136 -9.46 -7.53 12.14
CA ILE D 136 -9.64 -6.12 11.82
C ILE D 136 -11.09 -5.74 11.64
N ILE D 137 -11.53 -4.72 12.39
CA ILE D 137 -12.85 -4.13 12.19
C ILE D 137 -12.82 -3.16 11.02
N PRO D 138 -13.42 -3.55 9.89
CA PRO D 138 -13.27 -2.87 8.59
C PRO D 138 -13.93 -1.50 8.47
N GLU D 139 -15.08 -1.30 9.10
CA GLU D 139 -15.79 -0.04 8.92
C GLU D 139 -16.04 0.72 10.20
N TRP D 140 -15.81 2.02 10.12
CA TRP D 140 -15.96 2.96 11.23
C TRP D 140 -16.67 4.22 10.75
N CYS D 141 -17.34 4.91 11.66
CA CYS D 141 -17.96 6.17 11.33
C CYS D 141 -17.76 7.21 12.43
N CYS D 142 -18.04 8.46 12.09
CA CYS D 142 -18.03 9.56 13.06
C CYS D 142 -19.06 10.59 12.65
N ARG D 143 -19.61 11.31 13.62
CA ARG D 143 -20.69 12.24 13.32
C ARG D 143 -20.24 13.44 12.49
N SER D 144 -19.16 14.09 12.89
CA SER D 144 -18.73 15.32 12.20
C SER D 144 -17.24 15.63 12.33
N CYS D 145 -16.42 14.61 12.50
CA CYS D 145 -14.99 14.83 12.59
C CYS D 145 -14.40 15.06 11.20
N THR D 146 -13.14 15.46 11.14
CA THR D 146 -12.53 15.89 9.88
C THR D 146 -11.61 14.84 9.26
N MET D 147 -11.63 14.78 7.94
CA MET D 147 -10.85 13.80 7.19
C MET D 147 -9.57 14.43 6.64
N PRO D 148 -8.47 13.65 6.59
CA PRO D 148 -8.31 12.26 7.02
C PRO D 148 -8.46 12.07 8.53
N PRO D 149 -9.00 10.93 8.95
CA PRO D 149 -9.27 10.67 10.37
C PRO D 149 -7.97 10.62 11.18
N VAL D 150 -7.98 11.09 12.41
CA VAL D 150 -6.78 10.89 13.22
C VAL D 150 -6.76 9.43 13.66
N SER D 151 -5.55 8.91 13.79
CA SER D 151 -5.34 7.55 14.22
C SER D 151 -4.14 7.52 15.12
N PHE D 152 -4.26 6.78 16.22
CA PHE D 152 -3.16 6.63 17.14
C PHE D 152 -2.39 5.37 16.78
N HIS D 153 -1.08 5.50 16.64
CA HIS D 153 -0.25 4.35 16.32
C HIS D 153 0.64 4.04 17.51
N GLY D 154 0.31 2.95 18.21
CA GLY D 154 0.96 2.61 19.45
C GLY D 154 1.39 1.16 19.59
N SER D 155 1.78 0.80 20.80
CA SER D 155 2.42 -0.47 21.13
C SER D 155 1.74 -1.71 20.57
N ASP D 156 0.44 -1.86 20.86
CA ASP D 156 -0.27 -3.05 20.42
C ASP D 156 -1.06 -2.79 19.15
N GLY D 157 -0.66 -1.77 18.39
CA GLY D 157 -1.26 -1.53 17.09
C GLY D 157 -1.94 -0.19 16.92
N CYS D 158 -3.01 -0.18 16.14
CA CYS D 158 -3.69 1.04 15.74
C CYS D 158 -5.00 1.29 16.49
N TRP D 159 -5.19 2.51 16.98
CA TRP D 159 -6.41 2.90 17.67
C TRP D 159 -7.05 4.13 17.02
N TYR D 160 -8.31 4.38 17.35
CA TYR D 160 -9.04 5.54 16.83
C TYR D 160 -9.47 6.48 17.97
N PRO D 161 -9.71 7.76 17.66
CA PRO D 161 -10.12 8.72 18.70
C PRO D 161 -11.53 8.45 19.18
N MET D 162 -11.96 9.22 20.18
CA MET D 162 -13.26 9.04 20.79
C MET D 162 -14.41 9.26 19.81
N GLU D 163 -14.18 10.08 18.78
CA GLU D 163 -15.21 10.43 17.82
C GLU D 163 -15.50 9.32 16.81
N ILE D 164 -14.50 8.48 16.58
CA ILE D 164 -14.60 7.48 15.52
C ILE D 164 -15.06 6.14 16.07
N ARG D 165 -16.23 5.71 15.61
CA ARG D 165 -16.93 4.56 16.20
C ARG D 165 -16.97 3.36 15.26
N PRO D 166 -16.85 2.14 15.82
CA PRO D 166 -16.88 0.90 15.03
C PRO D 166 -18.29 0.48 14.61
N MET D 167 -18.44 0.09 13.35
CA MET D 167 -19.74 -0.31 12.83
C MET D 167 -19.85 -1.83 12.71
N LYS D 168 -21.10 -2.32 12.61
CA LYS D 168 -21.40 -3.73 12.34
C LYS D 168 -20.60 -4.71 13.19
N THR D 169 -20.33 -4.34 14.45
CA THR D 169 -19.45 -5.14 15.29
C THR D 169 -20.05 -5.35 16.68
N SER D 170 -19.73 -6.47 17.31
CA SER D 170 -20.25 -6.80 18.64
C SER D 170 -19.38 -6.22 19.74
N ASP D 171 -20.03 -5.77 20.81
CA ASP D 171 -19.36 -5.12 21.93
C ASP D 171 -18.33 -6.01 22.62
N SER D 172 -18.59 -7.31 22.70
CA SER D 172 -17.74 -8.23 23.45
C SER D 172 -16.36 -8.40 22.81
N HIS D 173 -16.30 -8.18 21.50
CA HIS D 173 -15.07 -8.35 20.71
C HIS D 173 -14.15 -7.14 20.77
N LEU D 174 -14.65 -6.05 21.32
CA LEU D 174 -13.95 -4.77 21.23
C LEU D 174 -12.92 -4.54 22.34
N VAL D 175 -11.77 -3.98 21.96
CA VAL D 175 -10.76 -3.56 22.92
C VAL D 175 -10.81 -2.04 23.08
N ARG D 176 -10.98 -1.57 24.30
CA ARG D 176 -11.12 -0.13 24.56
C ARG D 176 -10.08 0.39 25.55
N SER D 177 -9.96 1.71 25.63
CA SER D 177 -9.00 2.35 26.53
C SER D 177 -9.57 2.51 27.94
N TRP D 178 -8.72 2.33 28.94
CA TRP D 178 -9.12 2.50 30.33
C TRP D 178 -8.86 3.92 30.83
N VAL D 179 -8.35 4.76 29.95
CA VAL D 179 -8.00 6.13 30.32
C VAL D 179 -9.21 7.00 30.61
N THR D 180 -9.15 7.67 31.76
CA THR D 180 -10.09 8.72 32.12
C THR D 180 -9.31 9.95 32.57
N ALA D 181 -8.94 10.81 31.63
CA ALA D 181 -8.03 11.91 31.90
C ALA D 181 -8.77 13.24 32.08
#